data_6BTL
#
_entry.id   6BTL
#
_cell.length_a   117.664
_cell.length_b   117.664
_cell.length_c   225.163
_cell.angle_alpha   90.00
_cell.angle_beta   90.00
_cell.angle_gamma   90.00
#
_symmetry.space_group_name_H-M   'P 43 21 2'
#
loop_
_entity.id
_entity.type
_entity.pdbx_description
1 polymer 'Trypanothione reductase'
2 non-polymer 'FLAVIN-ADENINE DINUCLEOTIDE'
3 non-polymer 'SULFATE ION'
4 non-polymer 1-[2-(piperazin-1-yl)ethyl]-5-{5-[1-(pyrrolidin-1-yl)cyclohexyl]-1,3-thiazol-2-yl}-1H-indole
5 non-polymer GLYCEROL
6 non-polymer '4-(2-HYDROXYETHYL)-1-PIPERAZINE ETHANESULFONIC ACID'
7 water water
#
_entity_poly.entity_id   1
_entity_poly.type   'polypeptide(L)'
_entity_poly.pdbx_seq_one_letter_code
;GSHMSKAFDLVVIGAGSGGLEAGWNAATLYGKRVAVVDVQTSHGPPFYAALGGTCVNVGCVPKKLMVTGAQYMDHLRESA
GFGWEFDGSSVKANWKKLIAAKNEAVLDINKSYEGMFNDTEGLDFFLGWGSLESKNVVVVRETADPKSAVKERLQADHIL
LATGSWPQMPAIPGIEHCISSNEAFYLPEPPRRVLTVGGGFISVEFAGIFNAYKPPGGKVTLCYRNNLILRGFDETIREE
VTKQLTANGIEIMTNENPAKVSLNTDGSKHVTFESGKTLDVDVVMMAIGRIPRTNDLQLGNVGVKLTPKGGVQVDEFSRT
NVPNIYAIGDITDRLMLTPVAINEGAALVDTVFGNKPRKTDHTRVASAVFSIPPIGTCGLIEEVAAKEFEKVAVYMSSFT
PLMHNISGSKYKKFVAKIVTNHSDGTVLGVHLLGDGAPEIIQAVGVCLRLNAKISDFYNTIGVHPTSAEELCSMRTPSYY
YVKGEKMEKLPDSNL
;
_entity_poly.pdbx_strand_id   A,B
#
loop_
_chem_comp.id
_chem_comp.type
_chem_comp.name
_chem_comp.formula
EPE non-polymer '4-(2-HYDROXYETHYL)-1-PIPERAZINE ETHANESULFONIC ACID' 'C8 H18 N2 O4 S'
FAD non-polymer 'FLAVIN-ADENINE DINUCLEOTIDE' 'C27 H33 N9 O15 P2'
GOL non-polymer GLYCEROL 'C3 H8 O3'
RD7 non-polymer 1-[2-(piperazin-1-yl)ethyl]-5-{5-[1-(pyrrolidin-1-yl)cyclohexyl]-1,3-thiazol-2-yl}-1H-indole 'C27 H37 N5 S'
SO4 non-polymer 'SULFATE ION' 'O4 S -2'
#
# COMPACT_ATOMS: atom_id res chain seq x y z
N MET A 4 -52.27 -11.67 8.24
CA MET A 4 -52.31 -10.28 7.83
C MET A 4 -50.91 -9.85 7.49
N SER A 5 -50.03 -9.90 8.48
CA SER A 5 -48.63 -9.52 8.31
C SER A 5 -47.76 -10.70 7.86
N LYS A 6 -48.38 -11.86 7.81
CA LYS A 6 -47.75 -13.08 7.33
C LYS A 6 -46.43 -13.42 8.01
N ALA A 7 -45.59 -14.09 7.23
CA ALA A 7 -44.30 -14.50 7.71
C ALA A 7 -43.29 -13.49 7.20
N PHE A 8 -42.08 -13.98 7.03
CA PHE A 8 -41.04 -13.12 6.51
C PHE A 8 -40.50 -13.81 5.29
N ASP A 9 -40.27 -13.03 4.24
CA ASP A 9 -39.74 -13.58 3.03
C ASP A 9 -38.39 -14.11 3.42
N LEU A 10 -37.90 -13.61 4.53
CA LEU A 10 -36.59 -14.07 5.00
C LEU A 10 -36.35 -13.59 6.42
N VAL A 11 -35.93 -14.51 7.29
CA VAL A 11 -35.48 -14.19 8.64
C VAL A 11 -34.01 -14.58 8.73
N VAL A 12 -33.24 -13.76 9.45
CA VAL A 12 -31.79 -13.92 9.55
C VAL A 12 -31.42 -13.98 11.02
N ILE A 13 -30.74 -15.04 11.42
CA ILE A 13 -30.21 -15.17 12.78
C ILE A 13 -28.75 -14.70 12.76
N GLY A 14 -28.43 -13.73 13.62
CA GLY A 14 -27.10 -13.14 13.62
C GLY A 14 -26.98 -12.00 12.65
N ALA A 15 -26.87 -10.78 13.16
CA ALA A 15 -26.74 -9.59 12.32
C ALA A 15 -25.27 -9.17 12.21
N GLY A 16 -24.47 -10.08 11.65
CA GLY A 16 -23.05 -9.85 11.45
C GLY A 16 -22.75 -9.29 10.08
N SER A 17 -21.52 -9.52 9.62
CA SER A 17 -21.11 -9.05 8.30
C SER A 17 -22.00 -9.64 7.22
N GLY A 18 -22.18 -10.96 7.23
CA GLY A 18 -23.02 -11.62 6.25
C GLY A 18 -24.50 -11.42 6.48
N GLY A 19 -24.92 -11.47 7.75
CA GLY A 19 -26.33 -11.30 8.06
C GLY A 19 -26.91 -10.01 7.50
N LEU A 20 -26.21 -8.88 7.72
CA LEU A 20 -26.74 -7.58 7.32
C LEU A 20 -26.73 -7.40 5.81
N GLU A 21 -25.71 -7.92 5.11
CA GLU A 21 -25.69 -7.77 3.66
C GLU A 21 -26.79 -8.55 2.97
N ALA A 22 -27.36 -9.56 3.64
CA ALA A 22 -28.45 -10.34 3.05
C ALA A 22 -29.81 -9.72 3.29
N GLY A 23 -30.03 -9.15 4.48
CA GLY A 23 -31.29 -8.49 4.77
C GLY A 23 -31.45 -7.15 4.10
N TRP A 24 -30.34 -6.42 3.88
CA TRP A 24 -30.40 -5.17 3.14
C TRP A 24 -30.70 -5.42 1.68
N ASN A 25 -29.95 -6.32 1.04
CA ASN A 25 -30.21 -6.74 -0.33
C ASN A 25 -31.38 -7.72 -0.30
N ALA A 26 -32.58 -7.16 -0.17
CA ALA A 26 -33.81 -7.92 -0.06
C ALA A 26 -34.93 -6.99 0.38
N ALA A 27 -34.64 -6.13 1.35
CA ALA A 27 -35.60 -5.13 1.77
C ALA A 27 -35.59 -3.91 0.83
N THR A 28 -34.41 -3.51 0.37
CA THR A 28 -34.28 -2.38 -0.53
C THR A 28 -34.08 -2.77 -1.99
N LEU A 29 -33.57 -3.98 -2.24
CA LEU A 29 -33.35 -4.45 -3.60
C LEU A 29 -34.50 -5.29 -4.14
N TYR A 30 -35.29 -5.92 -3.27
CA TYR A 30 -36.35 -6.81 -3.73
C TYR A 30 -37.64 -6.67 -2.94
N GLY A 31 -37.78 -5.64 -2.11
CA GLY A 31 -39.01 -5.37 -1.41
C GLY A 31 -39.56 -6.56 -0.64
N LYS A 32 -38.67 -7.41 -0.14
CA LYS A 32 -39.06 -8.56 0.64
C LYS A 32 -39.19 -8.20 2.11
N ARG A 33 -40.10 -8.88 2.80
CA ARG A 33 -40.18 -8.75 4.25
C ARG A 33 -39.00 -9.47 4.89
N VAL A 34 -38.29 -8.79 5.79
CA VAL A 34 -37.06 -9.33 6.36
C VAL A 34 -37.03 -9.05 7.86
N ALA A 35 -36.63 -10.06 8.63
CA ALA A 35 -36.40 -9.93 10.06
C ALA A 35 -34.95 -10.28 10.37
N VAL A 36 -34.43 -9.69 11.44
CA VAL A 36 -33.04 -9.88 11.84
C VAL A 36 -32.98 -10.00 13.36
N VAL A 37 -32.39 -11.09 13.85
CA VAL A 37 -32.31 -11.39 15.26
C VAL A 37 -30.85 -11.35 15.69
N ASP A 38 -30.52 -10.46 16.62
CA ASP A 38 -29.20 -10.44 17.24
C ASP A 38 -29.37 -10.16 18.73
N VAL A 39 -28.36 -10.57 19.51
CA VAL A 39 -28.49 -10.62 20.96
C VAL A 39 -28.18 -9.31 21.65
N GLN A 40 -27.72 -8.29 20.92
CA GLN A 40 -27.44 -7.00 21.52
C GLN A 40 -27.54 -5.92 20.47
N THR A 41 -27.65 -4.68 20.93
CA THR A 41 -27.64 -3.52 20.05
C THR A 41 -26.31 -2.78 20.06
N SER A 42 -25.58 -2.85 21.18
CA SER A 42 -24.32 -2.14 21.34
C SER A 42 -23.21 -3.14 21.64
N HIS A 43 -21.98 -2.74 21.28
CA HIS A 43 -20.83 -3.58 21.54
C HIS A 43 -20.68 -3.82 23.05
N GLY A 44 -19.73 -4.68 23.39
CA GLY A 44 -19.31 -4.84 24.76
C GLY A 44 -19.89 -6.06 25.45
N PRO A 45 -19.48 -6.29 26.69
CA PRO A 45 -20.04 -7.38 27.48
C PRO A 45 -21.55 -7.24 27.59
N PRO A 46 -22.26 -8.31 27.97
CA PRO A 46 -21.71 -9.63 28.30
C PRO A 46 -21.46 -10.50 27.06
N PHE A 47 -22.06 -10.14 25.93
CA PHE A 47 -21.99 -10.92 24.72
C PHE A 47 -20.95 -10.40 23.73
N TYR A 48 -20.36 -9.24 24.00
CA TYR A 48 -19.28 -8.68 23.18
C TYR A 48 -19.74 -8.43 21.75
N ALA A 49 -19.89 -9.50 20.96
CA ALA A 49 -20.43 -9.34 19.62
C ALA A 49 -21.90 -8.91 19.70
N ALA A 50 -22.27 -7.94 18.87
CA ALA A 50 -23.63 -7.42 18.88
C ALA A 50 -23.97 -6.97 17.47
N LEU A 51 -25.06 -6.20 17.36
CA LEU A 51 -25.51 -5.66 16.08
C LEU A 51 -24.34 -5.10 15.29
N GLY A 52 -24.09 -5.69 14.12
CA GLY A 52 -22.94 -5.35 13.29
C GLY A 52 -21.96 -6.49 13.10
N GLY A 53 -21.99 -7.50 13.97
CA GLY A 53 -21.18 -8.69 13.80
C GLY A 53 -19.85 -8.59 14.54
N THR A 54 -19.11 -9.70 14.47
CA THR A 54 -17.77 -9.74 15.05
C THR A 54 -16.86 -8.69 14.42
N CYS A 55 -17.02 -8.46 13.12
CA CYS A 55 -16.18 -7.51 12.41
C CYS A 55 -16.31 -6.11 12.97
N VAL A 56 -17.53 -5.68 13.25
CA VAL A 56 -17.76 -4.30 13.68
C VAL A 56 -17.48 -4.11 15.17
N ASN A 57 -17.70 -5.14 15.99
CA ASN A 57 -17.65 -5.00 17.43
C ASN A 57 -16.35 -5.52 18.04
N VAL A 58 -15.94 -6.73 17.69
CA VAL A 58 -14.77 -7.35 18.31
C VAL A 58 -13.91 -8.03 17.26
N GLY A 59 -13.61 -7.31 16.18
CA GLY A 59 -12.78 -7.83 15.11
C GLY A 59 -12.13 -6.75 14.26
N CYS A 60 -12.38 -6.81 12.95
CA CYS A 60 -11.79 -5.91 11.96
C CYS A 60 -11.58 -4.49 12.47
N VAL A 61 -12.68 -3.76 12.68
CA VAL A 61 -12.64 -2.33 12.92
C VAL A 61 -11.85 -1.99 14.18
N PRO A 62 -12.20 -2.54 15.34
CA PRO A 62 -11.46 -2.17 16.57
C PRO A 62 -10.04 -2.69 16.60
N LYS A 63 -9.76 -3.82 15.94
CA LYS A 63 -8.39 -4.32 15.88
C LYS A 63 -7.50 -3.40 15.06
N LYS A 64 -7.95 -3.00 13.88
CA LYS A 64 -7.19 -2.06 13.06
C LYS A 64 -6.86 -0.80 13.87
N LEU A 65 -7.89 -0.21 14.48
CA LEU A 65 -7.67 1.01 15.27
C LEU A 65 -6.60 0.80 16.34
N MET A 66 -6.60 -0.37 16.98
CA MET A 66 -5.66 -0.61 18.06
C MET A 66 -4.26 -0.93 17.51
N VAL A 67 -4.18 -1.68 16.42
CA VAL A 67 -2.88 -1.91 15.79
C VAL A 67 -2.28 -0.58 15.34
N THR A 68 -3.08 0.25 14.67
CA THR A 68 -2.62 1.57 14.28
C THR A 68 -2.00 2.30 15.48
N GLY A 69 -2.77 2.42 16.56
CA GLY A 69 -2.22 3.02 17.77
C GLY A 69 -0.94 2.36 18.22
N ALA A 70 -0.85 1.03 18.05
CA ALA A 70 0.34 0.33 18.49
C ALA A 70 1.54 0.61 17.59
N GLN A 71 1.28 0.86 16.30
CA GLN A 71 2.38 1.21 15.40
C GLN A 71 3.11 2.45 15.88
N TYR A 72 2.42 3.32 16.61
CA TYR A 72 3.04 4.57 17.04
C TYR A 72 4.25 4.33 17.95
N MET A 73 4.30 3.20 18.65
CA MET A 73 5.51 2.88 19.40
C MET A 73 6.72 2.86 18.48
N ASP A 74 6.59 2.22 17.32
CA ASP A 74 7.69 2.18 16.36
C ASP A 74 7.92 3.55 15.75
N HIS A 75 6.85 4.24 15.36
CA HIS A 75 6.97 5.59 14.79
C HIS A 75 7.81 6.49 15.70
N LEU A 76 7.39 6.65 16.95
CA LEU A 76 8.13 7.52 17.87
C LEU A 76 9.60 7.15 17.92
N ARG A 77 9.89 5.85 18.04
CA ARG A 77 11.26 5.40 18.10
C ARG A 77 12.03 5.76 16.83
N GLU A 78 11.41 5.52 15.67
CA GLU A 78 12.12 5.67 14.41
C GLU A 78 12.29 7.13 13.99
N SER A 79 11.48 8.04 14.54
CA SER A 79 11.58 9.44 14.16
C SER A 79 12.96 10.02 14.46
N ALA A 80 13.66 9.46 15.45
CA ALA A 80 14.96 10.00 15.83
C ALA A 80 15.95 9.94 14.68
N GLY A 81 15.92 8.86 13.90
CA GLY A 81 16.81 8.75 12.76
C GLY A 81 16.63 9.89 11.78
N PHE A 82 15.46 10.52 11.80
CA PHE A 82 15.15 11.62 10.90
C PHE A 82 15.22 12.97 11.58
N GLY A 83 15.86 13.04 12.75
CA GLY A 83 16.14 14.30 13.40
C GLY A 83 15.13 14.76 14.41
N TRP A 84 14.18 13.93 14.80
CA TRP A 84 13.12 14.34 15.72
C TRP A 84 13.49 14.00 17.15
N GLU A 85 13.34 14.98 18.04
CA GLU A 85 13.65 14.80 19.45
C GLU A 85 12.47 15.27 20.31
N PHE A 86 12.36 14.66 21.48
CA PHE A 86 11.34 14.97 22.48
C PHE A 86 11.63 14.14 23.71
N ASP A 87 11.11 14.58 24.85
CA ASP A 87 11.39 13.93 26.13
C ASP A 87 11.12 12.43 26.06
N GLY A 88 12.18 11.63 26.13
CA GLY A 88 12.03 10.19 25.98
C GLY A 88 11.28 9.54 27.13
N SER A 89 11.63 9.91 28.36
CA SER A 89 11.04 9.28 29.53
C SER A 89 9.63 9.79 29.84
N SER A 90 9.17 10.83 29.14
CA SER A 90 7.84 11.37 29.37
C SER A 90 6.76 10.70 28.52
N VAL A 91 7.13 9.78 27.63
CA VAL A 91 6.15 9.13 26.77
C VAL A 91 5.32 8.17 27.60
N LYS A 92 4.01 8.17 27.37
CA LYS A 92 3.09 7.29 28.10
C LYS A 92 2.07 6.73 27.12
N ALA A 93 2.02 5.41 27.04
CA ALA A 93 1.03 4.71 26.22
C ALA A 93 -0.22 4.54 27.07
N ASN A 94 -1.18 5.44 26.88
CA ASN A 94 -2.40 5.48 27.69
C ASN A 94 -3.41 4.50 27.08
N TRP A 95 -3.48 3.30 27.67
CA TRP A 95 -4.38 2.26 27.16
C TRP A 95 -5.84 2.65 27.38
N LYS A 96 -6.15 3.21 28.55
CA LYS A 96 -7.51 3.61 28.85
C LYS A 96 -8.02 4.64 27.86
N LYS A 97 -7.14 5.49 27.33
CA LYS A 97 -7.56 6.48 26.35
C LYS A 97 -7.77 5.85 24.99
N LEU A 98 -6.97 4.83 24.66
CA LEU A 98 -7.13 4.13 23.40
C LEU A 98 -8.46 3.37 23.34
N ILE A 99 -8.77 2.63 24.42
CA ILE A 99 -9.98 1.82 24.43
C ILE A 99 -11.23 2.69 24.32
N ALA A 100 -11.20 3.86 24.96
CA ALA A 100 -12.35 4.78 24.86
C ALA A 100 -12.55 5.27 23.44
N ALA A 101 -11.48 5.80 22.83
CA ALA A 101 -11.56 6.20 21.43
C ALA A 101 -12.10 5.05 20.57
N LYS A 102 -11.64 3.83 20.84
CA LYS A 102 -12.16 2.67 20.10
C LYS A 102 -13.64 2.48 20.38
N ASN A 103 -14.01 2.43 21.65
CA ASN A 103 -15.42 2.20 22.00
C ASN A 103 -16.33 3.20 21.31
N GLU A 104 -15.92 4.48 21.28
CA GLU A 104 -16.76 5.50 20.65
C GLU A 104 -16.87 5.27 19.15
N ALA A 105 -15.79 4.82 18.52
CA ALA A 105 -15.86 4.49 17.09
C ALA A 105 -16.81 3.34 16.85
N VAL A 106 -16.70 2.28 17.64
CA VAL A 106 -17.55 1.10 17.44
C VAL A 106 -19.01 1.47 17.66
N LEU A 107 -19.29 2.20 18.75
CA LEU A 107 -20.66 2.58 19.04
C LEU A 107 -21.25 3.47 17.96
N ASP A 108 -20.43 4.32 17.34
CA ASP A 108 -20.90 5.08 16.19
C ASP A 108 -21.50 4.16 15.13
N ILE A 109 -20.82 3.06 14.82
CA ILE A 109 -21.35 2.09 13.87
C ILE A 109 -22.57 1.39 14.46
N ASN A 110 -22.54 1.08 15.76
CA ASN A 110 -23.68 0.43 16.39
C ASN A 110 -24.96 1.23 16.19
N LYS A 111 -24.86 2.56 16.23
CA LYS A 111 -26.06 3.40 16.12
C LYS A 111 -26.53 3.52 14.68
N SER A 112 -25.61 3.73 13.74
CA SER A 112 -26.01 3.84 12.33
C SER A 112 -26.85 2.63 11.92
N TYR A 113 -26.32 1.43 12.12
CA TYR A 113 -27.13 0.23 11.92
C TYR A 113 -28.41 0.29 12.74
N GLU A 114 -28.32 0.81 13.97
CA GLU A 114 -29.50 0.96 14.82
C GLU A 114 -30.57 1.79 14.13
N GLY A 115 -30.15 2.81 13.37
CA GLY A 115 -31.09 3.64 12.64
C GLY A 115 -31.44 3.07 11.27
N MET A 116 -30.51 2.30 10.68
CA MET A 116 -30.78 1.66 9.40
C MET A 116 -32.08 0.85 9.46
N PHE A 117 -32.35 0.22 10.60
CA PHE A 117 -33.55 -0.59 10.74
C PHE A 117 -34.80 0.27 10.94
N ASN A 118 -34.66 1.44 11.57
CA ASN A 118 -35.82 2.24 11.96
C ASN A 118 -36.40 3.07 10.83
N ASP A 119 -35.77 3.09 9.65
CA ASP A 119 -36.30 3.81 8.50
C ASP A 119 -36.09 2.99 7.22
N THR A 120 -36.57 1.74 7.24
CA THR A 120 -36.42 0.86 6.07
C THR A 120 -37.50 -0.23 6.21
N GLU A 121 -38.67 0.04 5.62
CA GLU A 121 -39.78 -0.91 5.69
C GLU A 121 -39.36 -2.27 5.14
N GLY A 122 -39.98 -3.32 5.68
CA GLY A 122 -39.59 -4.67 5.36
C GLY A 122 -38.35 -5.15 6.06
N LEU A 123 -37.67 -4.28 6.81
CA LEU A 123 -36.44 -4.62 7.54
C LEU A 123 -36.65 -4.28 9.01
N ASP A 124 -36.69 -5.30 9.86
CA ASP A 124 -37.00 -5.12 11.27
C ASP A 124 -36.00 -5.90 12.11
N PHE A 125 -35.61 -5.31 13.24
CA PHE A 125 -34.64 -5.90 14.15
C PHE A 125 -35.34 -6.45 15.39
N PHE A 126 -35.00 -7.68 15.76
CA PHE A 126 -35.56 -8.35 16.93
C PHE A 126 -34.43 -8.67 17.90
N LEU A 127 -34.51 -8.12 19.11
CA LEU A 127 -33.49 -8.37 20.12
C LEU A 127 -33.76 -9.70 20.82
N GLY A 128 -32.75 -10.54 20.91
CA GLY A 128 -32.85 -11.79 21.63
C GLY A 128 -32.03 -12.88 20.98
N TRP A 129 -32.23 -14.10 21.46
CA TRP A 129 -31.50 -15.28 21.00
C TRP A 129 -32.38 -16.08 20.04
N GLY A 130 -31.83 -16.40 18.87
CA GLY A 130 -32.57 -17.12 17.86
C GLY A 130 -32.25 -18.60 17.80
N SER A 131 -33.24 -19.42 18.14
CA SER A 131 -33.13 -20.86 18.05
C SER A 131 -34.12 -21.38 17.01
N LEU A 132 -33.80 -22.52 16.42
CA LEU A 132 -34.58 -23.09 15.32
C LEU A 132 -35.66 -24.02 15.88
N GLU A 133 -36.92 -23.66 15.65
CA GLU A 133 -38.05 -24.49 16.11
C GLU A 133 -38.39 -25.53 15.06
N SER A 134 -39.37 -25.22 14.20
CA SER A 134 -39.68 -26.07 13.06
C SER A 134 -38.72 -25.75 11.91
N LYS A 135 -38.91 -26.43 10.78
CA LYS A 135 -38.10 -26.07 9.62
C LYS A 135 -38.56 -24.77 8.98
N ASN A 136 -39.53 -24.08 9.61
CA ASN A 136 -40.01 -22.80 9.11
C ASN A 136 -40.44 -21.87 10.24
N VAL A 137 -39.80 -21.99 11.41
CA VAL A 137 -40.07 -21.09 12.54
C VAL A 137 -38.76 -20.86 13.29
N VAL A 138 -38.47 -19.60 13.60
CA VAL A 138 -37.31 -19.22 14.39
C VAL A 138 -37.78 -18.78 15.76
N VAL A 139 -37.09 -19.24 16.80
CA VAL A 139 -37.48 -18.97 18.18
C VAL A 139 -36.54 -17.92 18.76
N VAL A 140 -37.12 -16.81 19.23
CA VAL A 140 -36.40 -15.77 19.94
C VAL A 140 -36.63 -15.98 21.44
N ARG A 141 -35.57 -15.84 22.23
CA ARG A 141 -35.64 -16.04 23.66
C ARG A 141 -34.77 -15.01 24.37
N GLU A 142 -35.12 -14.70 25.62
CA GLU A 142 -34.40 -13.66 26.36
C GLU A 142 -32.93 -14.01 26.55
N THR A 143 -32.61 -15.29 26.64
CA THR A 143 -31.23 -15.74 26.80
C THR A 143 -31.00 -16.96 25.92
N ALA A 144 -29.74 -17.42 25.88
CA ALA A 144 -29.37 -18.59 25.10
C ALA A 144 -29.91 -19.89 25.68
N ASP A 145 -30.49 -19.85 26.87
CA ASP A 145 -31.06 -21.04 27.49
C ASP A 145 -32.30 -21.48 26.73
N PRO A 146 -32.35 -22.71 26.21
CA PRO A 146 -33.56 -23.16 25.50
C PRO A 146 -34.83 -23.12 26.33
N LYS A 147 -34.72 -22.92 27.64
CA LYS A 147 -35.88 -22.90 28.54
C LYS A 147 -36.16 -21.51 29.09
N SER A 148 -35.74 -20.47 28.37
CA SER A 148 -36.00 -19.09 28.79
C SER A 148 -37.30 -18.59 28.19
N ALA A 149 -37.77 -17.45 28.72
CA ALA A 149 -39.02 -16.87 28.25
C ALA A 149 -38.90 -16.48 26.78
N VAL A 150 -40.02 -16.59 26.07
CA VAL A 150 -40.09 -16.26 24.65
C VAL A 150 -40.60 -14.83 24.50
N LYS A 151 -40.06 -14.12 23.51
CA LYS A 151 -40.52 -12.78 23.16
C LYS A 151 -41.01 -12.67 21.72
N GLU A 152 -40.67 -13.63 20.86
CA GLU A 152 -41.10 -13.61 19.47
C GLU A 152 -41.02 -15.03 18.90
N ARG A 153 -41.92 -15.31 17.94
CA ARG A 153 -41.85 -16.51 17.12
C ARG A 153 -42.07 -16.08 15.68
N LEU A 154 -40.99 -16.11 14.89
CA LEU A 154 -40.98 -15.49 13.56
C LEU A 154 -41.30 -16.54 12.51
N GLN A 155 -42.54 -16.52 11.99
CA GLN A 155 -42.88 -17.34 10.85
C GLN A 155 -42.00 -16.96 9.66
N ALA A 156 -41.43 -17.96 9.00
CA ALA A 156 -40.39 -17.71 8.01
C ALA A 156 -40.62 -18.53 6.75
N ASP A 157 -40.46 -17.88 5.60
CA ASP A 157 -40.41 -18.58 4.32
C ASP A 157 -39.00 -19.10 4.04
N HIS A 158 -38.00 -18.23 4.21
CA HIS A 158 -36.60 -18.62 4.11
C HIS A 158 -35.89 -18.29 5.42
N ILE A 159 -34.90 -19.11 5.77
CA ILE A 159 -34.16 -18.96 7.01
C ILE A 159 -32.67 -18.96 6.69
N LEU A 160 -31.97 -17.93 7.13
CA LEU A 160 -30.54 -17.79 6.91
C LEU A 160 -29.81 -17.88 8.26
N LEU A 161 -28.87 -18.83 8.34
CA LEU A 161 -28.06 -19.02 9.55
C LEU A 161 -26.74 -18.28 9.37
N ALA A 162 -26.52 -17.25 10.18
CA ALA A 162 -25.34 -16.42 10.06
C ALA A 162 -24.81 -16.05 11.44
N THR A 163 -24.83 -17.02 12.36
CA THR A 163 -24.43 -16.78 13.73
C THR A 163 -22.92 -16.57 13.89
N GLY A 164 -22.13 -16.68 12.83
CA GLY A 164 -20.70 -16.45 12.94
C GLY A 164 -19.99 -17.58 13.64
N SER A 165 -18.90 -17.23 14.34
CA SER A 165 -18.05 -18.19 15.02
C SER A 165 -17.73 -17.69 16.42
N TRP A 166 -17.08 -18.54 17.21
CA TRP A 166 -16.79 -18.30 18.60
C TRP A 166 -15.38 -18.78 18.92
N PRO A 167 -14.72 -18.18 19.91
CA PRO A 167 -13.36 -18.61 20.25
C PRO A 167 -13.36 -20.00 20.88
N GLN A 168 -12.46 -20.85 20.38
CA GLN A 168 -12.28 -22.20 20.90
C GLN A 168 -11.42 -22.18 22.16
N MET A 169 -11.93 -22.76 23.24
CA MET A 169 -11.19 -22.83 24.49
C MET A 169 -10.79 -24.27 24.79
N PRO A 170 -9.57 -24.50 25.29
CA PRO A 170 -9.14 -25.85 25.62
C PRO A 170 -9.72 -26.32 26.95
N ALA A 171 -9.54 -27.62 27.22
CA ALA A 171 -10.07 -28.24 28.43
C ALA A 171 -8.90 -28.54 29.35
N ILE A 172 -8.40 -27.51 30.02
CA ILE A 172 -7.38 -27.66 31.05
C ILE A 172 -7.93 -27.02 32.32
N PRO A 173 -7.45 -27.45 33.48
CA PRO A 173 -7.95 -26.87 34.74
C PRO A 173 -7.56 -25.41 34.87
N GLY A 174 -8.52 -24.59 35.28
CA GLY A 174 -8.29 -23.17 35.42
C GLY A 174 -8.52 -22.36 34.16
N ILE A 175 -9.24 -22.91 33.18
CA ILE A 175 -9.49 -22.18 31.95
C ILE A 175 -10.40 -20.97 32.18
N GLU A 176 -11.14 -20.95 33.29
CA GLU A 176 -11.98 -19.80 33.60
C GLU A 176 -11.16 -18.54 33.81
N HIS A 177 -9.89 -18.69 34.23
CA HIS A 177 -8.99 -17.57 34.43
C HIS A 177 -8.38 -17.05 33.14
N CYS A 178 -8.84 -17.55 31.99
CA CYS A 178 -8.35 -17.10 30.70
C CYS A 178 -9.41 -16.27 29.99
N ILE A 179 -8.96 -15.51 28.99
CA ILE A 179 -9.82 -14.67 28.18
C ILE A 179 -9.57 -15.02 26.72
N SER A 180 -10.51 -14.61 25.87
CA SER A 180 -10.38 -14.75 24.43
C SER A 180 -10.15 -13.38 23.80
N SER A 181 -10.11 -13.35 22.47
CA SER A 181 -10.08 -12.08 21.76
C SER A 181 -11.22 -11.17 22.21
N ASN A 182 -12.38 -11.76 22.54
CA ASN A 182 -13.51 -10.97 23.00
C ASN A 182 -13.13 -10.07 24.17
N GLU A 183 -12.72 -10.67 25.30
CA GLU A 183 -12.53 -9.90 26.52
C GLU A 183 -11.34 -8.94 26.44
N ALA A 184 -10.38 -9.19 25.55
CA ALA A 184 -9.22 -8.32 25.48
C ALA A 184 -9.59 -6.90 25.08
N PHE A 185 -10.60 -6.75 24.21
CA PHE A 185 -11.02 -5.42 23.78
C PHE A 185 -11.54 -4.57 24.94
N TYR A 186 -11.67 -5.14 26.14
CA TYR A 186 -12.30 -4.42 27.24
C TYR A 186 -11.54 -4.57 28.55
N LEU A 187 -10.25 -4.90 28.49
CA LEU A 187 -9.44 -4.89 29.70
C LEU A 187 -9.41 -3.49 30.30
N PRO A 188 -9.66 -3.34 31.61
CA PRO A 188 -9.65 -1.99 32.19
C PRO A 188 -8.29 -1.31 32.06
N GLU A 189 -7.21 -2.04 32.24
CA GLU A 189 -5.85 -1.54 32.13
C GLU A 189 -5.08 -2.43 31.18
N PRO A 190 -4.00 -1.92 30.59
CA PRO A 190 -3.15 -2.76 29.74
C PRO A 190 -2.32 -3.71 30.59
N PRO A 191 -2.31 -5.00 30.26
CA PRO A 191 -1.60 -5.95 31.12
C PRO A 191 -0.10 -5.77 31.05
N ARG A 192 0.55 -5.84 32.21
CA ARG A 192 2.00 -5.71 32.27
C ARG A 192 2.68 -6.93 31.65
N ARG A 193 2.22 -8.13 32.02
CA ARG A 193 2.70 -9.38 31.44
C ARG A 193 1.51 -10.11 30.85
N VAL A 194 1.59 -10.44 29.57
CA VAL A 194 0.50 -11.12 28.87
C VAL A 194 1.07 -12.33 28.15
N LEU A 195 0.33 -13.43 28.18
CA LEU A 195 0.65 -14.63 27.41
C LEU A 195 -0.49 -14.91 26.45
N THR A 196 -0.21 -14.86 25.16
CA THR A 196 -1.18 -15.22 24.13
C THR A 196 -0.86 -16.63 23.64
N VAL A 197 -1.87 -17.49 23.64
CA VAL A 197 -1.69 -18.89 23.27
C VAL A 197 -2.15 -19.09 21.84
N GLY A 198 -1.38 -19.85 21.08
CA GLY A 198 -1.71 -20.19 19.71
C GLY A 198 -0.80 -19.49 18.72
N GLY A 199 -0.83 -19.99 17.49
CA GLY A 199 -0.06 -19.42 16.40
C GLY A 199 -0.86 -18.72 15.33
N GLY A 200 -2.14 -18.44 15.54
CA GLY A 200 -2.95 -17.84 14.51
C GLY A 200 -2.76 -16.34 14.41
N PHE A 201 -3.31 -15.77 13.33
CA PHE A 201 -3.15 -14.34 13.09
C PHE A 201 -3.70 -13.50 14.24
N ILE A 202 -4.65 -14.03 15.00
CA ILE A 202 -5.20 -13.28 16.13
C ILE A 202 -4.18 -13.17 17.24
N SER A 203 -3.53 -14.28 17.57
CA SER A 203 -2.50 -14.25 18.62
C SER A 203 -1.35 -13.31 18.24
N VAL A 204 -0.99 -13.28 16.95
CA VAL A 204 0.09 -12.42 16.51
C VAL A 204 -0.33 -10.95 16.57
N GLU A 205 -1.52 -10.63 16.05
CA GLU A 205 -1.95 -9.23 16.00
C GLU A 205 -2.09 -8.63 17.40
N PHE A 206 -2.60 -9.42 18.35
CA PHE A 206 -2.76 -8.90 19.69
C PHE A 206 -1.43 -8.86 20.45
N ALA A 207 -0.48 -9.71 20.06
CA ALA A 207 0.84 -9.65 20.69
C ALA A 207 1.50 -8.31 20.44
N GLY A 208 1.37 -7.79 19.21
CA GLY A 208 1.91 -6.48 18.92
C GLY A 208 1.19 -5.37 19.65
N ILE A 209 -0.14 -5.46 19.75
CA ILE A 209 -0.91 -4.44 20.45
C ILE A 209 -0.50 -4.38 21.92
N PHE A 210 -0.58 -5.53 22.61
CA PHE A 210 -0.13 -5.58 23.99
C PHE A 210 1.32 -5.12 24.13
N ASN A 211 2.15 -5.47 23.14
CA ASN A 211 3.57 -5.14 23.24
C ASN A 211 3.81 -3.63 23.27
N ALA A 212 2.98 -2.86 22.56
CA ALA A 212 3.17 -1.41 22.47
C ALA A 212 2.55 -0.67 23.65
N TYR A 213 1.40 -1.12 24.15
CA TYR A 213 0.72 -0.43 25.24
C TYR A 213 1.05 -1.00 26.61
N LYS A 214 1.91 -1.99 26.71
CA LYS A 214 2.23 -2.55 28.00
C LYS A 214 2.87 -1.47 28.88
N PRO A 215 2.59 -1.46 30.18
CA PRO A 215 3.27 -0.53 31.07
C PRO A 215 4.73 -0.90 31.20
N PRO A 216 5.52 -0.07 31.90
CA PRO A 216 6.96 -0.36 32.01
C PRO A 216 7.20 -1.68 32.72
N GLY A 217 8.22 -2.40 32.26
CA GLY A 217 8.59 -3.67 32.84
C GLY A 217 7.83 -4.87 32.30
N GLY A 218 7.17 -4.73 31.16
CA GLY A 218 6.30 -5.76 30.66
C GLY A 218 6.95 -6.67 29.65
N LYS A 219 6.39 -7.88 29.51
CA LYS A 219 6.87 -8.87 28.55
C LYS A 219 5.69 -9.59 27.95
N VAL A 220 5.54 -9.50 26.64
CA VAL A 220 4.51 -10.22 25.91
C VAL A 220 5.09 -11.53 25.43
N THR A 221 4.58 -12.65 25.94
CA THR A 221 5.05 -13.98 25.57
C THR A 221 3.98 -14.66 24.74
N LEU A 222 4.34 -15.10 23.54
CA LEU A 222 3.46 -15.85 22.67
C LEU A 222 3.95 -17.28 22.59
N CYS A 223 3.07 -18.24 22.87
CA CYS A 223 3.42 -19.65 22.82
C CYS A 223 2.59 -20.35 21.75
N TYR A 224 3.15 -21.43 21.21
CA TYR A 224 2.50 -22.21 20.18
C TYR A 224 2.93 -23.66 20.34
N ARG A 225 1.97 -24.59 20.16
CA ARG A 225 2.24 -25.98 20.48
C ARG A 225 3.14 -26.67 19.47
N ASN A 226 3.30 -26.11 18.27
CA ASN A 226 4.11 -26.72 17.24
C ASN A 226 5.39 -25.91 17.00
N ASN A 227 6.05 -26.15 15.87
CA ASN A 227 7.39 -25.63 15.62
C ASN A 227 7.39 -24.21 15.06
N LEU A 228 6.51 -23.91 14.10
CA LEU A 228 6.54 -22.64 13.39
C LEU A 228 5.17 -21.99 13.44
N ILE A 229 5.13 -20.72 13.84
CA ILE A 229 3.86 -20.01 14.03
C ILE A 229 3.25 -19.70 12.68
N LEU A 230 2.01 -19.21 12.69
CA LEU A 230 1.31 -18.79 11.48
C LEU A 230 1.22 -19.92 10.45
N ARG A 231 0.86 -21.11 10.93
CA ARG A 231 0.58 -22.23 10.05
C ARG A 231 -0.47 -21.83 9.01
N GLY A 232 -0.18 -22.13 7.75
CA GLY A 232 -1.06 -21.83 6.64
C GLY A 232 -0.52 -20.74 5.72
N PHE A 233 0.28 -19.82 6.26
CA PHE A 233 0.90 -18.78 5.44
C PHE A 233 2.22 -19.26 4.85
N ASP A 234 2.70 -18.52 3.86
CA ASP A 234 3.92 -18.91 3.15
C ASP A 234 5.07 -19.12 4.13
N GLU A 235 5.94 -20.08 3.80
CA GLU A 235 6.94 -20.55 4.75
C GLU A 235 7.91 -19.44 5.15
N THR A 236 8.63 -18.88 4.17
CA THR A 236 9.66 -17.89 4.48
C THR A 236 9.08 -16.68 5.20
N ILE A 237 7.85 -16.29 4.88
CA ILE A 237 7.20 -15.20 5.61
C ILE A 237 7.02 -15.57 7.07
N ARG A 238 6.74 -16.85 7.35
CA ARG A 238 6.57 -17.30 8.72
C ARG A 238 7.84 -17.08 9.53
N GLU A 239 8.97 -17.63 9.06
CA GLU A 239 10.21 -17.51 9.83
C GLU A 239 10.63 -16.06 9.98
N GLU A 240 10.39 -15.23 8.97
CA GLU A 240 10.75 -13.82 9.07
C GLU A 240 9.92 -13.11 10.13
N VAL A 241 8.60 -13.22 10.04
CA VAL A 241 7.73 -12.57 11.02
C VAL A 241 8.11 -13.00 12.43
N THR A 242 8.46 -14.27 12.61
CA THR A 242 8.98 -14.72 13.91
C THR A 242 10.20 -13.89 14.32
N LYS A 243 11.16 -13.76 13.40
CA LYS A 243 12.36 -12.98 13.70
C LYS A 243 12.01 -11.55 14.07
N GLN A 244 11.12 -10.91 13.31
CA GLN A 244 10.83 -9.50 13.54
C GLN A 244 9.99 -9.28 14.79
N LEU A 245 9.09 -10.21 15.11
CA LEU A 245 8.41 -10.13 16.40
C LEU A 245 9.41 -10.22 17.54
N THR A 246 10.41 -11.10 17.43
CA THR A 246 11.45 -11.17 18.45
C THR A 246 12.18 -9.84 18.55
N ALA A 247 12.55 -9.25 17.41
CA ALA A 247 13.26 -7.97 17.42
C ALA A 247 12.48 -6.92 18.20
N ASN A 248 11.18 -6.83 17.96
CA ASN A 248 10.34 -5.83 18.62
C ASN A 248 10.05 -6.17 20.09
N GLY A 249 10.72 -7.17 20.68
CA GLY A 249 10.64 -7.43 22.10
C GLY A 249 9.74 -8.56 22.53
N ILE A 250 9.06 -9.22 21.59
CA ILE A 250 8.10 -10.27 21.92
C ILE A 250 8.84 -11.60 22.02
N GLU A 251 8.64 -12.30 23.13
CA GLU A 251 9.20 -13.62 23.34
C GLU A 251 8.32 -14.67 22.66
N ILE A 252 8.84 -15.28 21.59
CA ILE A 252 8.10 -16.28 20.83
C ILE A 252 8.56 -17.66 21.31
N MET A 253 7.67 -18.37 21.98
CA MET A 253 7.98 -19.58 22.73
C MET A 253 7.27 -20.75 22.06
N THR A 254 7.98 -21.45 21.18
CA THR A 254 7.40 -22.48 20.34
C THR A 254 7.52 -23.87 20.96
N ASN A 255 6.75 -24.81 20.42
CA ASN A 255 6.69 -26.19 20.92
C ASN A 255 6.29 -26.22 22.39
N GLU A 256 5.26 -25.45 22.74
CA GLU A 256 4.82 -25.34 24.12
C GLU A 256 3.30 -25.18 24.16
N ASN A 257 2.69 -25.76 25.18
CA ASN A 257 1.24 -25.75 25.32
C ASN A 257 0.90 -25.66 26.80
N PRO A 258 0.02 -24.72 27.20
CA PRO A 258 -0.37 -24.65 28.61
C PRO A 258 -1.11 -25.90 29.04
N ALA A 259 -0.83 -26.34 30.26
CA ALA A 259 -1.46 -27.54 30.82
C ALA A 259 -2.36 -27.26 32.01
N LYS A 260 -2.17 -26.16 32.72
CA LYS A 260 -3.00 -25.77 33.85
C LYS A 260 -2.63 -24.36 34.27
N VAL A 261 -3.60 -23.64 34.81
CA VAL A 261 -3.43 -22.23 35.19
C VAL A 261 -4.10 -22.02 36.54
N SER A 262 -3.41 -21.28 37.42
CA SER A 262 -3.92 -21.00 38.76
C SER A 262 -3.78 -19.52 39.06
N LEU A 263 -4.40 -19.09 40.16
CA LEU A 263 -4.34 -17.70 40.61
C LEU A 263 -3.31 -17.53 41.72
N ASN A 264 -2.60 -16.41 41.68
CA ASN A 264 -1.63 -16.09 42.71
C ASN A 264 -2.29 -15.25 43.81
N THR A 265 -1.52 -14.95 44.86
CA THR A 265 -2.04 -14.16 45.96
C THR A 265 -2.45 -12.75 45.53
N ASP A 266 -1.99 -12.30 44.36
CA ASP A 266 -2.24 -10.94 43.89
C ASP A 266 -3.18 -10.89 42.69
N GLY A 267 -3.81 -12.01 42.33
CA GLY A 267 -4.70 -12.08 41.18
C GLY A 267 -4.03 -12.47 39.89
N SER A 268 -2.70 -12.41 39.81
CA SER A 268 -1.99 -12.81 38.61
C SER A 268 -2.14 -14.31 38.37
N LYS A 269 -2.08 -14.70 37.10
CA LYS A 269 -2.27 -16.09 36.70
C LYS A 269 -0.94 -16.81 36.70
N HIS A 270 -0.91 -18.01 37.28
CA HIS A 270 0.25 -18.88 37.29
C HIS A 270 0.04 -20.02 36.30
N VAL A 271 0.86 -20.06 35.25
CA VAL A 271 0.68 -20.97 34.12
C VAL A 271 1.76 -22.04 34.17
N THR A 272 1.34 -23.31 34.17
CA THR A 272 2.24 -24.44 34.05
C THR A 272 2.03 -25.09 32.69
N PHE A 273 3.13 -25.42 32.02
CA PHE A 273 3.10 -25.96 30.68
C PHE A 273 3.19 -27.49 30.70
N GLU A 274 2.97 -28.09 29.53
CA GLU A 274 3.10 -29.54 29.39
C GLU A 274 4.55 -29.99 29.54
N SER A 275 5.51 -29.09 29.46
CA SER A 275 6.93 -29.41 29.57
C SER A 275 7.52 -29.05 30.92
N GLY A 276 6.68 -28.67 31.89
CA GLY A 276 7.13 -28.38 33.24
C GLY A 276 7.44 -26.92 33.51
N LYS A 277 7.83 -26.16 32.49
CA LYS A 277 8.20 -24.77 32.69
C LYS A 277 6.99 -23.94 33.11
N THR A 278 7.20 -23.02 34.04
CA THR A 278 6.16 -22.15 34.54
C THR A 278 6.41 -20.70 34.15
N LEU A 279 5.34 -19.93 34.06
CA LEU A 279 5.42 -18.52 33.72
C LEU A 279 4.28 -17.78 34.40
N ASP A 280 4.58 -16.60 34.93
CA ASP A 280 3.60 -15.76 35.59
C ASP A 280 3.20 -14.62 34.66
N VAL A 281 1.89 -14.38 34.53
CA VAL A 281 1.38 -13.31 33.68
C VAL A 281 0.17 -12.69 34.34
N ASP A 282 -0.15 -11.46 33.93
CA ASP A 282 -1.35 -10.78 34.36
C ASP A 282 -2.56 -11.15 33.51
N VAL A 283 -2.34 -11.62 32.29
CA VAL A 283 -3.42 -11.96 31.35
C VAL A 283 -2.97 -13.15 30.51
N VAL A 284 -3.86 -14.13 30.37
CA VAL A 284 -3.65 -15.28 29.49
C VAL A 284 -4.75 -15.27 28.46
N MET A 285 -4.40 -15.02 27.20
CA MET A 285 -5.37 -14.90 26.12
C MET A 285 -5.28 -16.12 25.21
N MET A 286 -6.40 -16.82 25.07
CA MET A 286 -6.50 -17.98 24.20
C MET A 286 -6.89 -17.55 22.79
N ALA A 287 -6.04 -17.87 21.81
CA ALA A 287 -6.32 -17.65 20.40
C ALA A 287 -5.88 -18.88 19.61
N ILE A 288 -6.40 -20.04 20.02
CA ILE A 288 -5.99 -21.32 19.46
C ILE A 288 -6.90 -21.77 18.32
N GLY A 289 -7.82 -20.92 17.88
CA GLY A 289 -8.75 -21.25 16.81
C GLY A 289 -10.15 -20.72 17.05
N ARG A 290 -10.95 -20.67 15.99
CA ARG A 290 -12.34 -20.25 16.09
C ARG A 290 -13.24 -21.35 15.56
N ILE A 291 -14.23 -21.74 16.35
CA ILE A 291 -15.15 -22.81 15.96
C ILE A 291 -16.47 -22.20 15.52
N PRO A 292 -17.23 -22.87 14.64
CA PRO A 292 -18.53 -22.36 14.25
C PRO A 292 -19.51 -22.41 15.41
N ARG A 293 -20.38 -21.40 15.48
CA ARG A 293 -21.24 -21.14 16.64
C ARG A 293 -22.62 -21.73 16.37
N THR A 294 -22.82 -22.99 16.77
CA THR A 294 -24.04 -23.71 16.44
C THR A 294 -24.80 -24.27 17.65
N ASN A 295 -24.20 -24.26 18.84
CA ASN A 295 -24.84 -24.93 19.98
C ASN A 295 -26.17 -24.27 20.33
N ASP A 296 -26.20 -22.95 20.41
CA ASP A 296 -27.41 -22.23 20.82
C ASP A 296 -28.50 -22.23 19.77
N LEU A 297 -28.36 -22.96 18.66
CA LEU A 297 -29.32 -22.89 17.57
C LEU A 297 -30.35 -24.01 17.59
N GLN A 298 -30.11 -25.09 18.34
CA GLN A 298 -31.04 -26.22 18.39
C GLN A 298 -31.21 -26.86 17.03
N LEU A 299 -30.14 -26.88 16.22
CA LEU A 299 -30.21 -27.40 14.87
C LEU A 299 -30.71 -28.84 14.81
N GLY A 300 -30.75 -29.55 15.93
CA GLY A 300 -31.29 -30.89 15.94
C GLY A 300 -32.79 -30.95 15.78
N ASN A 301 -33.50 -29.87 16.11
CA ASN A 301 -34.95 -29.85 16.01
C ASN A 301 -35.44 -30.00 14.57
N VAL A 302 -34.60 -29.64 13.59
CA VAL A 302 -34.94 -29.80 12.19
C VAL A 302 -34.05 -30.79 11.47
N GLY A 303 -32.93 -31.20 12.06
CA GLY A 303 -32.05 -32.16 11.42
C GLY A 303 -31.09 -31.56 10.41
N VAL A 304 -30.60 -30.34 10.65
CA VAL A 304 -29.60 -29.73 9.79
C VAL A 304 -28.29 -30.50 9.94
N LYS A 305 -27.60 -30.71 8.83
CA LYS A 305 -26.41 -31.54 8.81
C LYS A 305 -25.15 -30.70 9.05
N LEU A 306 -24.19 -31.28 9.79
CA LEU A 306 -22.92 -30.64 10.09
C LEU A 306 -21.78 -31.44 9.48
N THR A 307 -20.73 -30.72 9.09
CA THR A 307 -19.54 -31.33 8.52
C THR A 307 -18.78 -32.09 9.60
N PRO A 308 -17.70 -32.80 9.25
CA PRO A 308 -16.84 -33.38 10.30
C PRO A 308 -16.44 -32.36 11.34
N LYS A 309 -15.85 -31.24 10.92
CA LYS A 309 -15.72 -30.10 11.82
C LYS A 309 -17.09 -29.59 12.19
N GLY A 310 -17.20 -29.01 13.39
CA GLY A 310 -18.49 -28.60 13.91
C GLY A 310 -19.28 -27.63 13.04
N GLY A 311 -18.80 -27.35 11.83
CA GLY A 311 -19.44 -26.38 10.97
C GLY A 311 -20.68 -26.91 10.27
N VAL A 312 -21.43 -25.98 9.68
CA VAL A 312 -22.64 -26.30 8.94
C VAL A 312 -22.26 -26.64 7.50
N GLN A 313 -22.82 -27.74 6.99
CA GLN A 313 -22.54 -28.15 5.62
C GLN A 313 -23.40 -27.35 4.65
N VAL A 314 -22.82 -26.99 3.51
CA VAL A 314 -23.49 -26.26 2.45
C VAL A 314 -22.85 -26.66 1.13
N ASP A 315 -23.41 -26.17 0.03
CA ASP A 315 -22.94 -26.43 -1.32
C ASP A 315 -22.40 -25.13 -1.93
N GLU A 316 -22.35 -25.05 -3.25
CA GLU A 316 -21.85 -23.86 -3.92
C GLU A 316 -22.86 -22.71 -3.92
N PHE A 317 -24.00 -22.88 -3.24
CA PHE A 317 -25.01 -21.82 -3.15
C PHE A 317 -25.47 -21.55 -1.73
N SER A 318 -24.80 -22.13 -0.73
CA SER A 318 -25.08 -21.86 0.68
C SER A 318 -26.38 -22.51 1.14
N ARG A 319 -26.77 -23.62 0.51
CA ARG A 319 -27.98 -24.33 0.87
C ARG A 319 -27.66 -25.53 1.75
N THR A 320 -28.61 -25.90 2.60
CA THR A 320 -28.46 -27.02 3.51
C THR A 320 -29.39 -28.15 3.08
N ASN A 321 -29.40 -29.22 3.87
CA ASN A 321 -30.32 -30.32 3.59
C ASN A 321 -31.76 -29.87 3.74
N VAL A 322 -32.08 -29.16 4.82
CA VAL A 322 -33.43 -28.61 4.96
C VAL A 322 -33.71 -27.65 3.81
N PRO A 323 -34.84 -27.76 3.11
CA PRO A 323 -34.97 -27.08 1.81
C PRO A 323 -34.83 -25.56 1.87
N ASN A 324 -35.36 -24.92 2.91
CA ASN A 324 -35.38 -23.46 2.98
C ASN A 324 -34.48 -22.92 4.09
N ILE A 325 -33.36 -23.58 4.34
CA ILE A 325 -32.41 -23.15 5.37
C ILE A 325 -31.04 -23.02 4.73
N TYR A 326 -30.45 -21.82 4.85
CA TYR A 326 -29.15 -21.50 4.26
C TYR A 326 -28.20 -21.02 5.35
N ALA A 327 -26.90 -21.07 5.06
CA ALA A 327 -25.87 -20.70 6.01
C ALA A 327 -24.71 -20.04 5.29
N ILE A 328 -24.22 -18.93 5.84
CA ILE A 328 -23.10 -18.18 5.29
C ILE A 328 -22.20 -17.73 6.43
N GLY A 329 -21.09 -17.09 6.07
CA GLY A 329 -20.18 -16.56 7.07
C GLY A 329 -19.32 -17.63 7.73
N ASP A 330 -18.86 -17.32 8.94
CA ASP A 330 -17.98 -18.22 9.68
C ASP A 330 -18.68 -19.49 10.14
N ILE A 331 -20.02 -19.54 10.12
CA ILE A 331 -20.73 -20.74 10.52
C ILE A 331 -20.52 -21.89 9.54
N THR A 332 -20.04 -21.60 8.34
CA THR A 332 -19.76 -22.64 7.35
C THR A 332 -18.41 -23.31 7.56
N ASP A 333 -17.54 -22.73 8.39
CA ASP A 333 -16.21 -23.26 8.67
C ASP A 333 -15.28 -23.18 7.47
N ARG A 334 -15.53 -22.24 6.55
CA ARG A 334 -14.72 -22.09 5.35
C ARG A 334 -13.71 -20.96 5.53
N LEU A 335 -13.71 -19.99 4.63
CA LEU A 335 -12.81 -18.84 4.72
C LEU A 335 -13.43 -17.82 5.66
N MET A 336 -12.98 -17.82 6.91
CA MET A 336 -13.52 -16.90 7.91
C MET A 336 -13.08 -15.48 7.65
N LEU A 337 -13.63 -14.86 6.62
CA LEU A 337 -13.32 -13.47 6.27
C LEU A 337 -14.60 -12.68 6.12
N THR A 338 -14.51 -11.38 6.39
CA THR A 338 -15.70 -10.52 6.32
C THR A 338 -16.13 -10.27 4.89
N PRO A 339 -15.26 -9.81 3.98
CA PRO A 339 -15.68 -9.66 2.58
C PRO A 339 -16.19 -10.95 1.97
N VAL A 340 -15.78 -12.11 2.48
CA VAL A 340 -16.26 -13.37 1.93
C VAL A 340 -17.67 -13.69 2.42
N ALA A 341 -18.03 -13.23 3.63
CA ALA A 341 -19.40 -13.39 4.11
C ALA A 341 -20.34 -12.37 3.49
N ILE A 342 -19.85 -11.15 3.22
CA ILE A 342 -20.65 -10.18 2.50
C ILE A 342 -20.88 -10.62 1.07
N ASN A 343 -19.90 -11.29 0.47
CA ASN A 343 -20.06 -11.80 -0.89
C ASN A 343 -21.02 -12.99 -0.92
N GLU A 344 -20.86 -13.92 0.03
CA GLU A 344 -21.78 -15.05 0.11
C GLU A 344 -23.21 -14.58 0.37
N GLY A 345 -23.36 -13.59 1.24
CA GLY A 345 -24.68 -13.08 1.59
C GLY A 345 -25.36 -12.35 0.46
N ALA A 346 -24.63 -11.43 -0.20
CA ALA A 346 -25.19 -10.75 -1.35
C ALA A 346 -25.51 -11.72 -2.48
N ALA A 347 -24.76 -12.83 -2.55
CA ALA A 347 -24.95 -13.82 -3.61
C ALA A 347 -26.10 -14.77 -3.31
N LEU A 348 -26.36 -15.05 -2.04
CA LEU A 348 -27.49 -15.91 -1.70
C LEU A 348 -28.81 -15.25 -2.11
N VAL A 349 -28.92 -13.94 -1.96
CA VAL A 349 -30.20 -13.27 -2.15
C VAL A 349 -30.61 -13.28 -3.62
N ASP A 350 -29.83 -12.61 -4.48
CA ASP A 350 -30.17 -12.50 -5.90
C ASP A 350 -29.98 -13.82 -6.66
N THR A 351 -29.81 -14.94 -5.96
CA THR A 351 -30.04 -16.26 -6.55
C THR A 351 -31.39 -16.84 -6.15
N VAL A 352 -32.02 -16.30 -5.10
CA VAL A 352 -33.31 -16.77 -4.61
C VAL A 352 -34.41 -15.75 -4.89
N PHE A 353 -34.22 -14.51 -4.45
CA PHE A 353 -35.18 -13.44 -4.66
C PHE A 353 -34.94 -12.65 -5.93
N GLY A 354 -34.03 -13.09 -6.79
CA GLY A 354 -33.72 -12.39 -8.02
C GLY A 354 -33.50 -13.28 -9.22
N ASN A 355 -33.64 -14.60 -9.02
CA ASN A 355 -33.48 -15.60 -10.06
C ASN A 355 -32.35 -15.29 -11.05
N LYS A 356 -31.28 -14.66 -10.56
CA LYS A 356 -30.04 -14.49 -11.32
C LYS A 356 -28.93 -15.19 -10.55
N PRO A 357 -28.97 -16.53 -10.46
CA PRO A 357 -28.03 -17.27 -9.61
C PRO A 357 -26.57 -16.95 -9.91
N ARG A 358 -25.87 -16.44 -8.90
CA ARG A 358 -24.44 -16.17 -8.99
C ARG A 358 -23.79 -16.56 -7.67
N LYS A 359 -22.89 -17.54 -7.70
CA LYS A 359 -22.21 -17.98 -6.50
C LYS A 359 -20.90 -17.22 -6.30
N THR A 360 -20.38 -17.29 -5.09
CA THR A 360 -19.14 -16.60 -4.74
C THR A 360 -17.95 -17.54 -4.94
N ASP A 361 -16.87 -17.00 -5.49
CA ASP A 361 -15.65 -17.75 -5.69
C ASP A 361 -14.82 -17.75 -4.41
N HIS A 362 -14.38 -18.93 -3.98
CA HIS A 362 -13.63 -19.08 -2.74
C HIS A 362 -12.12 -19.16 -2.96
N THR A 363 -11.65 -19.06 -4.20
CA THR A 363 -10.24 -19.18 -4.50
C THR A 363 -9.67 -17.83 -4.95
N ARG A 364 -8.36 -17.69 -4.81
CA ARG A 364 -7.67 -16.46 -5.17
C ARG A 364 -8.32 -15.26 -4.47
N VAL A 365 -8.38 -15.35 -3.14
CA VAL A 365 -8.99 -14.34 -2.30
C VAL A 365 -7.90 -13.63 -1.52
N ALA A 366 -7.98 -12.31 -1.46
CA ALA A 366 -6.98 -11.51 -0.77
C ALA A 366 -7.32 -11.38 0.71
N SER A 367 -6.30 -11.54 1.56
CA SER A 367 -6.44 -11.34 2.99
C SER A 367 -5.17 -10.69 3.51
N ALA A 368 -5.27 -10.13 4.72
CA ALA A 368 -4.15 -9.46 5.35
C ALA A 368 -3.96 -9.99 6.76
N VAL A 369 -2.93 -9.48 7.43
CA VAL A 369 -2.63 -9.85 8.82
C VAL A 369 -1.97 -8.64 9.46
N PHE A 370 -2.77 -7.72 9.99
CA PHE A 370 -2.24 -6.46 10.49
C PHE A 370 -1.38 -6.68 11.73
N SER A 371 -0.30 -7.43 11.55
CA SER A 371 0.72 -7.57 12.57
C SER A 371 1.71 -6.41 12.42
N ILE A 372 2.79 -6.45 13.19
CA ILE A 372 3.88 -5.48 13.07
C ILE A 372 5.16 -6.30 12.92
N PRO A 373 5.63 -6.55 11.68
CA PRO A 373 5.14 -6.02 10.41
C PRO A 373 3.95 -6.77 9.82
N PRO A 374 3.18 -6.11 8.96
CA PRO A 374 1.97 -6.71 8.40
C PRO A 374 2.28 -7.66 7.25
N ILE A 375 1.27 -8.46 6.91
CA ILE A 375 1.38 -9.52 5.92
C ILE A 375 0.28 -9.35 4.89
N GLY A 376 0.60 -9.62 3.63
CA GLY A 376 -0.39 -9.63 2.56
C GLY A 376 -0.26 -10.87 1.70
N THR A 377 -1.36 -11.59 1.48
CA THR A 377 -1.32 -12.84 0.74
C THR A 377 -2.50 -12.90 -0.21
N CYS A 378 -2.38 -13.80 -1.20
CA CYS A 378 -3.43 -14.03 -2.17
C CYS A 378 -3.06 -15.22 -3.04
N GLY A 379 -3.94 -16.20 -3.13
CA GLY A 379 -3.65 -17.40 -3.90
C GLY A 379 -2.98 -18.47 -3.06
N LEU A 380 -2.29 -19.37 -3.75
CA LEU A 380 -1.69 -20.54 -3.14
C LEU A 380 -0.28 -20.24 -2.65
N ILE A 381 0.19 -21.06 -1.71
CA ILE A 381 1.58 -21.03 -1.28
C ILE A 381 2.33 -22.10 -2.07
N GLU A 382 3.66 -22.05 -2.05
CA GLU A 382 4.44 -22.90 -2.95
C GLU A 382 4.24 -24.38 -2.65
N GLU A 383 4.23 -24.77 -1.37
CA GLU A 383 4.16 -26.19 -1.05
C GLU A 383 2.79 -26.78 -1.31
N VAL A 384 1.75 -25.96 -1.43
CA VAL A 384 0.43 -26.45 -1.85
C VAL A 384 0.33 -26.54 -3.36
N ALA A 385 0.88 -25.56 -4.07
CA ALA A 385 0.94 -25.67 -5.52
C ALA A 385 1.64 -26.95 -5.95
N ALA A 386 2.66 -27.35 -5.19
CA ALA A 386 3.39 -28.57 -5.51
C ALA A 386 2.47 -29.77 -5.62
N LYS A 387 1.61 -29.97 -4.61
CA LYS A 387 0.78 -31.17 -4.54
C LYS A 387 -0.33 -31.21 -5.57
N GLU A 388 -0.43 -30.22 -6.46
CA GLU A 388 -1.48 -30.25 -7.48
C GLU A 388 -1.09 -29.50 -8.75
N PHE A 389 0.21 -29.44 -9.05
CA PHE A 389 0.66 -28.76 -10.27
C PHE A 389 1.97 -29.38 -10.75
N GLU A 390 2.04 -29.63 -12.05
CA GLU A 390 3.21 -30.23 -12.67
C GLU A 390 4.50 -29.51 -12.29
N LYS A 391 4.71 -28.32 -12.86
CA LYS A 391 5.93 -27.54 -12.62
C LYS A 391 5.57 -26.23 -11.95
N VAL A 392 6.24 -25.95 -10.83
CA VAL A 392 5.98 -24.75 -10.03
C VAL A 392 7.24 -23.88 -10.05
N ALA A 393 7.05 -22.58 -10.25
CA ALA A 393 8.12 -21.60 -10.18
C ALA A 393 7.88 -20.67 -9.00
N VAL A 394 8.96 -20.33 -8.29
CA VAL A 394 8.89 -19.45 -7.14
C VAL A 394 9.80 -18.26 -7.37
N TYR A 395 9.26 -17.05 -7.21
CA TYR A 395 10.02 -15.81 -7.35
C TYR A 395 10.16 -15.19 -5.97
N MET A 396 11.41 -14.94 -5.57
CA MET A 396 11.68 -14.43 -4.23
C MET A 396 12.54 -13.17 -4.32
N SER A 397 12.54 -12.41 -3.23
CA SER A 397 13.19 -11.12 -3.17
C SER A 397 13.00 -10.53 -1.78
N SER A 398 14.11 -10.29 -1.04
CA SER A 398 14.02 -9.88 0.37
C SER A 398 15.01 -8.74 0.65
N PHE A 399 14.68 -7.54 0.18
CA PHE A 399 15.48 -6.35 0.46
C PHE A 399 15.04 -5.71 1.77
N THR A 400 16.00 -5.13 2.49
CA THR A 400 15.66 -4.30 3.64
C THR A 400 15.20 -2.94 3.14
N PRO A 401 14.00 -2.48 3.52
CA PRO A 401 13.39 -1.37 2.80
C PRO A 401 14.26 -0.12 2.85
N LEU A 402 14.07 0.72 1.84
CA LEU A 402 14.72 2.01 1.68
C LEU A 402 15.02 2.71 3.00
N MET A 403 13.98 3.02 3.76
CA MET A 403 14.07 3.97 4.87
C MET A 403 14.67 3.39 6.15
N HIS A 404 14.84 2.08 6.25
CA HIS A 404 15.17 1.49 7.54
C HIS A 404 16.67 1.38 7.80
N ASN A 405 17.51 1.87 6.90
CA ASN A 405 18.90 2.10 7.28
C ASN A 405 19.00 3.31 8.19
N ILE A 406 18.16 4.31 7.96
CA ILE A 406 18.11 5.50 8.82
C ILE A 406 17.25 5.26 10.05
N SER A 407 16.11 4.58 9.87
CA SER A 407 15.11 4.48 10.94
C SER A 407 15.70 3.95 12.24
N GLY A 408 16.66 3.05 12.15
CA GLY A 408 17.12 2.32 13.30
C GLY A 408 16.48 0.96 13.45
N SER A 409 15.74 0.50 12.45
CA SER A 409 15.07 -0.78 12.48
C SER A 409 15.57 -1.62 11.31
N LYS A 410 16.86 -1.96 11.33
CA LYS A 410 17.44 -2.74 10.25
C LYS A 410 16.76 -4.09 10.08
N TYR A 411 16.15 -4.61 11.14
CA TYR A 411 15.55 -5.94 11.11
C TYR A 411 14.33 -6.03 10.21
N LYS A 412 13.71 -4.91 9.87
CA LYS A 412 12.42 -4.92 9.17
C LYS A 412 12.60 -5.27 7.69
N LYS A 413 13.05 -6.49 7.45
CA LYS A 413 13.29 -6.94 6.08
C LYS A 413 11.95 -7.20 5.39
N PHE A 414 11.74 -6.52 4.26
CA PHE A 414 10.54 -6.71 3.46
C PHE A 414 10.72 -7.89 2.50
N VAL A 415 9.69 -8.71 2.37
CA VAL A 415 9.76 -9.93 1.58
C VAL A 415 8.66 -9.92 0.53
N ALA A 416 8.90 -10.62 -0.58
CA ALA A 416 7.92 -10.72 -1.65
C ALA A 416 8.14 -12.02 -2.41
N LYS A 417 7.11 -12.87 -2.45
CA LYS A 417 7.15 -14.14 -3.16
C LYS A 417 6.03 -14.19 -4.18
N ILE A 418 6.33 -14.71 -5.37
CA ILE A 418 5.32 -15.01 -6.37
C ILE A 418 5.42 -16.50 -6.72
N VAL A 419 4.27 -17.15 -6.87
CA VAL A 419 4.18 -18.57 -7.18
C VAL A 419 3.41 -18.70 -8.48
N THR A 420 4.00 -19.38 -9.46
CA THR A 420 3.39 -19.57 -10.76
C THR A 420 3.41 -21.03 -11.15
N ASN A 421 2.48 -21.41 -12.02
CA ASN A 421 2.56 -22.66 -12.75
C ASN A 421 3.56 -22.46 -13.88
N HIS A 422 4.71 -23.13 -13.80
CA HIS A 422 5.77 -22.88 -14.75
C HIS A 422 5.38 -23.21 -16.18
N SER A 423 4.32 -24.00 -16.37
CA SER A 423 3.84 -24.31 -17.71
C SER A 423 3.50 -23.04 -18.48
N ASP A 424 2.50 -22.29 -17.99
CA ASP A 424 2.03 -21.09 -18.66
C ASP A 424 2.39 -19.81 -17.92
N GLY A 425 3.19 -19.91 -16.85
CA GLY A 425 3.56 -18.74 -16.09
C GLY A 425 2.43 -18.06 -15.35
N THR A 426 1.25 -18.68 -15.28
CA THR A 426 0.14 -18.09 -14.56
C THR A 426 0.48 -17.96 -13.09
N VAL A 427 0.16 -16.81 -12.51
CA VAL A 427 0.47 -16.56 -11.11
C VAL A 427 -0.56 -17.28 -10.25
N LEU A 428 -0.08 -18.19 -9.41
CA LEU A 428 -0.95 -18.92 -8.49
C LEU A 428 -0.96 -18.35 -7.08
N GLY A 429 0.02 -17.51 -6.73
CA GLY A 429 0.06 -16.91 -5.42
C GLY A 429 0.95 -15.69 -5.40
N VAL A 430 0.76 -14.88 -4.36
CA VAL A 430 1.55 -13.67 -4.13
C VAL A 430 1.57 -13.42 -2.63
N HIS A 431 2.76 -13.32 -2.05
CA HIS A 431 2.89 -13.29 -0.60
C HIS A 431 3.87 -12.22 -0.18
N LEU A 432 3.38 -11.23 0.56
CA LEU A 432 4.15 -10.06 0.93
C LEU A 432 4.29 -9.97 2.44
N LEU A 433 5.47 -9.52 2.89
CA LEU A 433 5.70 -9.18 4.29
C LEU A 433 6.36 -7.81 4.32
N GLY A 434 5.82 -6.91 5.13
CA GLY A 434 6.36 -5.56 5.23
C GLY A 434 5.27 -4.53 5.06
N ASP A 435 5.49 -3.35 5.64
CA ASP A 435 4.50 -2.28 5.59
C ASP A 435 4.08 -2.00 4.15
N GLY A 436 2.76 -1.96 3.94
CA GLY A 436 2.18 -1.79 2.63
C GLY A 436 1.56 -3.06 2.07
N ALA A 437 2.05 -4.22 2.52
CA ALA A 437 1.52 -5.51 2.08
C ALA A 437 0.00 -5.54 2.02
N PRO A 438 -0.75 -5.10 3.03
CA PRO A 438 -2.22 -5.18 2.93
C PRO A 438 -2.78 -4.34 1.79
N GLU A 439 -2.37 -3.07 1.69
CA GLU A 439 -2.87 -2.20 0.63
C GLU A 439 -2.38 -2.63 -0.75
N ILE A 440 -1.19 -3.22 -0.82
CA ILE A 440 -0.65 -3.66 -2.09
C ILE A 440 -1.42 -4.85 -2.63
N ILE A 441 -1.68 -5.84 -1.77
CA ILE A 441 -2.25 -7.11 -2.22
C ILE A 441 -3.63 -6.92 -2.83
N GLN A 442 -4.40 -5.94 -2.34
CA GLN A 442 -5.78 -5.78 -2.81
C GLN A 442 -5.85 -5.68 -4.32
N ALA A 443 -5.07 -4.79 -4.92
CA ALA A 443 -5.05 -4.70 -6.38
C ALA A 443 -4.51 -5.97 -7.02
N VAL A 444 -3.71 -6.74 -6.28
CA VAL A 444 -3.19 -7.99 -6.81
C VAL A 444 -4.31 -9.01 -6.99
N GLY A 445 -5.27 -9.02 -6.07
CA GLY A 445 -6.39 -9.95 -6.18
C GLY A 445 -7.15 -9.80 -7.47
N VAL A 446 -7.20 -8.59 -8.03
CA VAL A 446 -7.85 -8.39 -9.32
C VAL A 446 -7.05 -9.06 -10.43
N CYS A 447 -5.72 -9.06 -10.32
CA CYS A 447 -4.89 -9.68 -11.34
C CYS A 447 -5.14 -11.18 -11.43
N LEU A 448 -5.17 -11.85 -10.29
CA LEU A 448 -5.42 -13.29 -10.29
C LEU A 448 -6.82 -13.61 -10.83
N ARG A 449 -7.80 -12.75 -10.52
CA ARG A 449 -9.10 -12.86 -11.17
C ARG A 449 -9.00 -12.70 -12.67
N LEU A 450 -7.90 -12.14 -13.17
CA LEU A 450 -7.68 -11.95 -14.60
C LEU A 450 -6.64 -12.93 -15.16
N ASN A 451 -6.29 -13.97 -14.41
CA ASN A 451 -5.42 -15.03 -14.90
C ASN A 451 -4.07 -14.46 -15.35
N ALA A 452 -3.56 -13.50 -14.59
CA ALA A 452 -2.33 -12.84 -14.97
C ALA A 452 -1.15 -13.80 -14.89
N LYS A 453 -0.39 -13.89 -15.98
CA LYS A 453 0.87 -14.61 -16.00
C LYS A 453 1.98 -13.73 -15.44
N ILE A 454 3.10 -14.35 -15.09
CA ILE A 454 4.20 -13.59 -14.49
C ILE A 454 4.71 -12.52 -15.43
N SER A 455 4.74 -12.81 -16.73
CA SER A 455 5.20 -11.82 -17.70
C SER A 455 4.41 -10.52 -17.56
N ASP A 456 3.11 -10.62 -17.27
CA ASP A 456 2.31 -9.41 -17.06
C ASP A 456 2.88 -8.55 -15.95
N PHE A 457 3.61 -9.14 -15.01
CA PHE A 457 4.09 -8.41 -13.84
C PHE A 457 5.39 -7.67 -14.11
N TYR A 458 6.43 -8.39 -14.54
CA TYR A 458 7.72 -7.73 -14.74
C TYR A 458 7.78 -6.90 -16.01
N ASN A 459 6.80 -7.03 -16.90
CA ASN A 459 6.69 -6.15 -18.07
C ASN A 459 5.92 -4.87 -17.78
N THR A 460 5.44 -4.69 -16.54
CA THR A 460 4.78 -3.46 -16.14
C THR A 460 5.80 -2.51 -15.55
N ILE A 461 5.69 -1.23 -15.91
CA ILE A 461 6.63 -0.22 -15.44
C ILE A 461 6.32 0.14 -14.00
N GLY A 462 7.36 0.16 -13.16
CA GLY A 462 7.15 0.33 -11.74
C GLY A 462 6.87 1.76 -11.33
N VAL A 463 6.35 1.88 -10.12
CA VAL A 463 6.17 3.17 -9.45
C VAL A 463 7.31 3.31 -8.46
N HIS A 464 8.28 4.17 -8.76
CA HIS A 464 9.48 4.30 -7.99
C HIS A 464 9.50 5.63 -7.23
N PRO A 465 9.92 5.64 -5.95
CA PRO A 465 10.37 4.47 -5.20
C PRO A 465 9.29 3.88 -4.29
N THR A 466 9.05 2.58 -4.42
CA THR A 466 8.07 1.90 -3.61
C THR A 466 8.58 0.51 -3.25
N SER A 467 7.88 -0.12 -2.31
CA SER A 467 8.11 -1.55 -2.07
C SER A 467 7.34 -2.39 -3.09
N ALA A 468 6.17 -1.92 -3.50
CA ALA A 468 5.36 -2.71 -4.43
C ALA A 468 6.05 -2.92 -5.77
N GLU A 469 6.98 -2.02 -6.13
CA GLU A 469 7.69 -2.17 -7.40
C GLU A 469 8.53 -3.45 -7.44
N GLU A 470 8.84 -4.03 -6.28
CA GLU A 470 9.61 -5.27 -6.27
C GLU A 470 8.86 -6.43 -6.92
N LEU A 471 7.53 -6.33 -7.04
CA LEU A 471 6.77 -7.35 -7.75
C LEU A 471 7.01 -7.31 -9.25
N CYS A 472 7.38 -6.14 -9.79
CA CYS A 472 7.70 -5.99 -11.19
C CYS A 472 9.18 -6.16 -11.48
N SER A 473 10.00 -6.36 -10.44
CA SER A 473 11.45 -6.45 -10.60
C SER A 473 11.97 -7.87 -10.57
N MET A 474 11.09 -8.87 -10.47
CA MET A 474 11.49 -10.27 -10.42
C MET A 474 11.22 -10.90 -11.78
N ARG A 475 12.29 -11.23 -12.50
CA ARG A 475 12.20 -11.78 -13.84
C ARG A 475 12.69 -13.21 -13.95
N THR A 476 13.25 -13.77 -12.86
CA THR A 476 13.86 -15.10 -12.92
C THR A 476 13.58 -15.88 -11.63
N PRO A 477 13.20 -17.14 -11.73
CA PRO A 477 12.88 -17.91 -10.53
C PRO A 477 14.09 -18.17 -9.67
N SER A 478 13.84 -18.31 -8.37
CA SER A 478 14.89 -18.63 -7.41
C SER A 478 14.98 -20.13 -7.15
N TYR A 479 13.90 -20.87 -7.33
CA TYR A 479 13.91 -22.33 -7.28
C TYR A 479 12.61 -22.82 -7.90
N TYR A 480 12.46 -24.14 -7.98
CA TYR A 480 11.32 -24.75 -8.65
C TYR A 480 10.72 -25.85 -7.79
N TYR A 481 9.52 -26.26 -8.15
CA TYR A 481 8.90 -27.34 -7.46
C TYR A 481 8.36 -28.16 -8.60
N VAL A 482 9.07 -29.23 -8.94
CA VAL A 482 8.66 -30.10 -10.03
C VAL A 482 8.26 -31.45 -9.47
N LYS A 483 6.99 -31.78 -9.62
CA LYS A 483 6.42 -33.01 -9.10
C LYS A 483 6.75 -33.18 -7.63
N GLY A 484 6.50 -32.13 -6.85
CA GLY A 484 6.75 -32.13 -5.43
C GLY A 484 8.16 -31.91 -4.92
N GLU A 485 9.17 -32.16 -5.73
CA GLU A 485 10.53 -31.99 -5.24
C GLU A 485 11.01 -30.56 -5.41
N LYS A 486 11.89 -30.13 -4.52
CA LYS A 486 12.40 -28.78 -4.57
C LYS A 486 13.87 -28.70 -4.87
N MET A 487 14.20 -28.28 -6.08
CA MET A 487 15.59 -28.12 -6.44
C MET A 487 15.76 -26.76 -7.06
N GLU A 488 16.93 -26.20 -6.91
CA GLU A 488 17.23 -24.88 -7.42
C GLU A 488 17.16 -24.86 -8.93
N LYS A 489 18.14 -25.49 -9.55
CA LYS A 489 18.19 -25.52 -10.99
C LYS A 489 17.14 -26.48 -11.47
N LEU A 490 16.56 -26.19 -12.61
CA LEU A 490 15.52 -27.02 -13.20
C LEU A 490 16.17 -27.99 -14.15
N PRO A 491 16.34 -29.25 -13.74
CA PRO A 491 17.02 -30.29 -14.50
C PRO A 491 16.65 -30.35 -15.96
N ASP A 492 17.70 -30.29 -16.79
CA ASP A 492 17.61 -30.34 -18.23
C ASP A 492 17.29 -31.77 -18.65
N SER A 493 16.00 -32.11 -18.60
CA SER A 493 15.50 -33.43 -18.95
C SER A 493 14.00 -33.29 -19.07
N ASN A 494 13.55 -32.82 -20.23
CA ASN A 494 12.14 -32.58 -20.51
C ASN A 494 11.21 -33.78 -20.70
N LEU A 495 10.02 -33.49 -21.22
CA LEU A 495 8.93 -34.44 -21.45
C LEU A 495 8.50 -35.13 -20.17
N MET B 4 42.16 -2.59 -30.69
CA MET B 4 42.42 -3.43 -29.53
C MET B 4 41.84 -2.77 -28.30
N SER B 5 42.59 -1.85 -27.70
CA SER B 5 42.14 -1.14 -26.53
C SER B 5 41.21 -0.02 -26.97
N LYS B 6 40.43 0.48 -26.04
CA LYS B 6 39.46 1.55 -26.30
C LYS B 6 38.61 1.35 -27.54
N ALA B 7 37.99 0.18 -27.66
CA ALA B 7 37.09 -0.17 -28.76
C ALA B 7 35.95 -1.00 -28.17
N PHE B 8 34.82 -0.37 -27.87
CA PHE B 8 33.71 -1.07 -27.23
C PHE B 8 32.47 -1.31 -28.07
N ASP B 9 31.49 -1.93 -27.45
CA ASP B 9 30.26 -2.26 -28.11
C ASP B 9 29.29 -1.15 -27.85
N LEU B 10 29.36 -0.60 -26.67
CA LEU B 10 28.44 0.46 -26.26
C LEU B 10 29.19 1.43 -25.37
N VAL B 11 29.03 2.73 -25.65
CA VAL B 11 29.48 3.79 -24.76
C VAL B 11 28.25 4.54 -24.27
N VAL B 12 28.13 4.68 -22.95
CA VAL B 12 27.00 5.36 -22.33
C VAL B 12 27.50 6.65 -21.72
N ILE B 13 26.98 7.78 -22.22
CA ILE B 13 27.20 9.07 -21.58
C ILE B 13 26.11 9.23 -20.53
N GLY B 14 26.50 9.19 -19.26
CA GLY B 14 25.52 9.28 -18.20
C GLY B 14 25.26 7.96 -17.50
N ALA B 15 25.91 7.78 -16.35
CA ALA B 15 25.66 6.63 -15.49
C ALA B 15 24.37 6.76 -14.69
N GLY B 16 23.32 7.31 -15.29
CA GLY B 16 22.06 7.50 -14.61
C GLY B 16 21.20 6.25 -14.68
N SER B 17 19.93 6.44 -14.33
CA SER B 17 18.94 5.36 -14.36
C SER B 17 18.98 4.60 -15.67
N GLY B 18 18.61 5.26 -16.77
CA GLY B 18 18.58 4.57 -18.05
C GLY B 18 19.95 4.08 -18.49
N GLY B 19 20.96 4.91 -18.34
CA GLY B 19 22.30 4.53 -18.75
C GLY B 19 22.78 3.23 -18.12
N LEU B 20 22.78 3.17 -16.79
CA LEU B 20 23.28 2.00 -16.10
C LEU B 20 22.53 0.75 -16.51
N GLU B 21 21.20 0.77 -16.38
CA GLU B 21 20.39 -0.37 -16.81
C GLU B 21 20.81 -0.82 -18.21
N ALA B 22 21.04 0.12 -19.11
CA ALA B 22 21.46 -0.22 -20.46
C ALA B 22 22.78 -0.97 -20.44
N GLY B 23 23.78 -0.40 -19.76
CA GLY B 23 25.10 -1.00 -19.78
C GLY B 23 25.17 -2.32 -19.03
N TRP B 24 24.58 -2.37 -17.84
CA TRP B 24 24.58 -3.61 -17.06
C TRP B 24 23.97 -4.76 -17.86
N ASN B 25 22.77 -4.54 -18.42
CA ASN B 25 22.15 -5.57 -19.25
C ASN B 25 23.05 -5.94 -20.43
N ALA B 26 23.65 -4.93 -21.07
CA ALA B 26 24.50 -5.21 -22.23
C ALA B 26 25.68 -6.09 -21.86
N ALA B 27 26.28 -5.84 -20.70
CA ALA B 27 27.52 -6.52 -20.32
C ALA B 27 27.27 -7.86 -19.63
N THR B 28 26.25 -7.94 -18.77
CA THR B 28 25.97 -9.16 -18.03
C THR B 28 25.03 -10.10 -18.77
N LEU B 29 24.09 -9.56 -19.57
CA LEU B 29 23.14 -10.38 -20.29
C LEU B 29 23.63 -10.77 -21.68
N TYR B 30 24.57 -10.02 -22.26
CA TYR B 30 25.03 -10.33 -23.62
C TYR B 30 26.54 -10.27 -23.75
N GLY B 31 27.27 -10.20 -22.63
CA GLY B 31 28.74 -10.31 -22.69
C GLY B 31 29.40 -9.34 -23.63
N LYS B 32 28.97 -8.08 -23.61
CA LYS B 32 29.54 -7.04 -24.46
C LYS B 32 30.48 -6.15 -23.65
N ARG B 33 31.39 -5.52 -24.37
CA ARG B 33 32.36 -4.62 -23.78
C ARG B 33 31.66 -3.28 -23.68
N VAL B 34 31.45 -2.81 -22.47
CA VAL B 34 30.64 -1.61 -22.23
C VAL B 34 31.46 -0.58 -21.47
N ALA B 35 31.26 0.70 -21.79
CA ALA B 35 31.89 1.80 -21.09
C ALA B 35 30.83 2.85 -20.75
N VAL B 36 30.84 3.33 -19.50
CA VAL B 36 29.91 4.34 -19.04
C VAL B 36 30.70 5.53 -18.51
N VAL B 37 30.23 6.74 -18.85
CA VAL B 37 30.89 7.98 -18.48
C VAL B 37 29.95 8.80 -17.61
N ASP B 38 30.49 9.37 -16.52
CA ASP B 38 29.74 10.30 -15.69
C ASP B 38 30.73 11.21 -14.98
N VAL B 39 30.22 12.34 -14.48
CA VAL B 39 31.10 13.41 -13.99
C VAL B 39 31.52 13.23 -12.53
N GLN B 40 30.83 12.39 -11.77
CA GLN B 40 31.20 12.14 -10.38
C GLN B 40 30.93 10.69 -10.05
N THR B 41 31.57 10.22 -8.99
CA THR B 41 31.28 8.89 -8.44
C THR B 41 30.44 8.95 -7.19
N SER B 42 30.22 10.14 -6.63
CA SER B 42 29.44 10.31 -5.41
C SER B 42 28.62 11.59 -5.53
N HIS B 43 27.51 11.62 -4.79
CA HIS B 43 26.56 12.72 -4.88
C HIS B 43 27.19 14.03 -4.39
N GLY B 44 26.54 15.14 -4.75
CA GLY B 44 26.84 16.41 -4.16
C GLY B 44 27.40 17.44 -5.11
N PRO B 45 27.75 18.60 -4.58
CA PRO B 45 28.38 19.64 -5.39
C PRO B 45 29.78 19.21 -5.82
N PRO B 46 30.32 19.82 -6.88
CA PRO B 46 29.67 20.89 -7.63
C PRO B 46 28.71 20.42 -8.73
N PHE B 47 28.63 19.11 -8.99
CA PHE B 47 27.82 18.61 -10.09
C PHE B 47 26.56 17.88 -9.66
N TYR B 48 26.38 17.60 -8.37
CA TYR B 48 25.12 17.09 -7.84
C TYR B 48 24.82 15.69 -8.35
N ALA B 49 24.23 15.59 -9.55
CA ALA B 49 24.10 14.28 -10.18
C ALA B 49 25.46 13.62 -10.26
N ALA B 50 25.46 12.29 -10.27
CA ALA B 50 26.70 11.53 -10.17
C ALA B 50 26.43 10.11 -10.65
N LEU B 51 27.38 9.22 -10.34
CA LEU B 51 27.16 7.81 -10.60
C LEU B 51 25.87 7.36 -9.93
N GLY B 52 24.94 6.86 -10.73
CA GLY B 52 23.62 6.48 -10.26
C GLY B 52 22.49 7.31 -10.85
N GLY B 53 22.80 8.49 -11.37
CA GLY B 53 21.80 9.34 -11.98
C GLY B 53 21.19 10.34 -11.02
N THR B 54 20.34 11.19 -11.58
CA THR B 54 19.64 12.17 -10.76
C THR B 54 18.79 11.50 -9.69
N CYS B 55 18.14 10.39 -10.03
CA CYS B 55 17.26 9.70 -9.10
C CYS B 55 17.98 9.37 -7.79
N VAL B 56 19.14 8.71 -7.88
CA VAL B 56 19.83 8.24 -6.68
C VAL B 56 20.38 9.40 -5.87
N ASN B 57 20.98 10.40 -6.54
CA ASN B 57 21.76 11.42 -5.85
C ASN B 57 20.97 12.68 -5.49
N VAL B 58 20.09 13.16 -6.37
CA VAL B 58 19.31 14.36 -6.08
C VAL B 58 17.92 14.23 -6.66
N GLY B 59 17.25 13.13 -6.36
CA GLY B 59 15.92 12.90 -6.91
C GLY B 59 15.05 11.97 -6.09
N CYS B 60 14.63 10.86 -6.70
CA CYS B 60 13.65 9.98 -6.06
C CYS B 60 14.11 9.54 -4.68
N VAL B 61 15.31 8.98 -4.59
CA VAL B 61 15.78 8.38 -3.34
C VAL B 61 15.81 9.43 -2.24
N PRO B 62 16.59 10.51 -2.39
CA PRO B 62 16.74 11.45 -1.27
C PRO B 62 15.44 12.08 -0.81
N LYS B 63 14.60 12.55 -1.74
CA LYS B 63 13.36 13.20 -1.32
C LYS B 63 12.46 12.23 -0.55
N LYS B 64 12.37 10.99 -1.03
CA LYS B 64 11.56 9.98 -0.34
C LYS B 64 11.96 9.90 1.13
N LEU B 65 13.26 9.83 1.41
CA LEU B 65 13.73 9.84 2.80
C LEU B 65 13.32 11.13 3.50
N MET B 66 13.41 12.26 2.81
CA MET B 66 13.10 13.53 3.46
C MET B 66 11.61 13.69 3.68
N VAL B 67 10.79 13.28 2.71
CA VAL B 67 9.36 13.24 2.93
C VAL B 67 9.06 12.36 4.14
N THR B 68 9.57 11.13 4.13
CA THR B 68 9.42 10.24 5.27
C THR B 68 9.70 10.96 6.58
N GLY B 69 10.79 11.72 6.62
CA GLY B 69 11.11 12.46 7.83
C GLY B 69 10.11 13.55 8.13
N ALA B 70 9.51 14.15 7.10
CA ALA B 70 8.50 15.18 7.33
C ALA B 70 7.17 14.57 7.75
N GLN B 71 6.90 13.32 7.36
CA GLN B 71 5.68 12.65 7.82
C GLN B 71 5.64 12.56 9.34
N TYR B 72 6.81 12.56 9.99
CA TYR B 72 6.85 12.41 11.44
C TYR B 72 6.29 13.62 12.17
N MET B 73 6.18 14.78 11.52
CA MET B 73 5.48 15.89 12.14
C MET B 73 4.01 15.56 12.34
N ASP B 74 3.39 14.92 11.35
CA ASP B 74 1.99 14.52 11.48
C ASP B 74 1.83 13.35 12.44
N HIS B 75 2.74 12.36 12.37
CA HIS B 75 2.61 11.19 13.22
C HIS B 75 2.62 11.57 14.70
N LEU B 76 3.62 12.34 15.13
CA LEU B 76 3.68 12.75 16.53
C LEU B 76 2.39 13.44 16.98
N ARG B 77 1.79 14.24 16.09
CA ARG B 77 0.57 14.96 16.45
C ARG B 77 -0.64 14.03 16.47
N GLU B 78 -0.75 13.16 15.46
CA GLU B 78 -1.90 12.26 15.36
C GLU B 78 -1.88 11.19 16.44
N SER B 79 -0.71 10.89 17.01
CA SER B 79 -0.63 9.82 18.00
C SER B 79 -1.41 10.14 19.28
N ALA B 80 -1.64 11.42 19.55
CA ALA B 80 -2.38 11.79 20.75
C ALA B 80 -3.77 11.18 20.77
N GLY B 81 -4.40 11.05 19.61
CA GLY B 81 -5.72 10.44 19.52
C GLY B 81 -5.74 8.99 19.91
N PHE B 82 -4.61 8.30 19.81
CA PHE B 82 -4.51 6.89 20.16
C PHE B 82 -3.86 6.65 21.52
N GLY B 83 -3.95 7.63 22.42
CA GLY B 83 -3.54 7.46 23.79
C GLY B 83 -2.07 7.69 24.07
N TRP B 84 -1.33 8.26 23.13
CA TRP B 84 0.10 8.51 23.32
C TRP B 84 0.29 9.93 23.87
N GLU B 85 0.93 10.03 25.02
CA GLU B 85 1.15 11.30 25.68
C GLU B 85 2.64 11.60 25.78
N PHE B 86 2.97 12.89 25.76
CA PHE B 86 4.34 13.35 25.95
C PHE B 86 4.36 14.87 25.78
N ASP B 87 5.37 15.49 26.38
CA ASP B 87 5.49 16.95 26.36
C ASP B 87 5.47 17.48 24.92
N GLY B 88 4.36 18.11 24.53
CA GLY B 88 4.27 18.62 23.18
C GLY B 88 5.29 19.70 22.88
N SER B 89 5.60 20.52 23.88
CA SER B 89 6.51 21.65 23.68
C SER B 89 7.96 21.24 23.47
N SER B 90 8.31 19.99 23.75
CA SER B 90 9.69 19.55 23.63
C SER B 90 10.03 18.98 22.25
N VAL B 91 9.07 18.94 21.33
CA VAL B 91 9.33 18.42 19.99
C VAL B 91 10.04 19.47 19.16
N LYS B 92 11.02 19.03 18.37
CA LYS B 92 11.70 19.90 17.42
C LYS B 92 12.47 19.03 16.43
N ALA B 93 12.59 19.53 15.21
CA ALA B 93 13.24 18.81 14.12
C ALA B 93 14.65 19.34 13.90
N ASN B 94 15.61 18.42 13.79
CA ASN B 94 17.00 18.77 13.56
C ASN B 94 17.30 18.59 12.07
N TRP B 95 17.34 19.70 11.34
CA TRP B 95 17.51 19.63 9.89
C TRP B 95 18.88 19.08 9.49
N LYS B 96 19.89 19.29 10.33
CA LYS B 96 21.22 18.78 10.00
C LYS B 96 21.27 17.26 10.12
N LYS B 97 20.63 16.70 11.15
CA LYS B 97 20.60 15.24 11.29
C LYS B 97 19.85 14.59 10.13
N LEU B 98 18.85 15.26 9.58
CA LEU B 98 18.16 14.69 8.42
C LEU B 98 19.08 14.63 7.22
N ILE B 99 19.82 15.72 6.96
CA ILE B 99 20.70 15.78 5.80
C ILE B 99 21.85 14.79 5.94
N ALA B 100 22.49 14.76 7.11
CA ALA B 100 23.59 13.82 7.32
C ALA B 100 23.13 12.39 7.10
N ALA B 101 21.98 12.03 7.68
CA ALA B 101 21.46 10.68 7.49
C ALA B 101 21.16 10.40 6.02
N LYS B 102 20.62 11.39 5.31
CA LYS B 102 20.34 11.21 3.89
C LYS B 102 21.63 11.05 3.10
N ASN B 103 22.67 11.80 3.46
CA ASN B 103 23.96 11.67 2.78
C ASN B 103 24.51 10.26 2.93
N GLU B 104 24.47 9.72 4.15
CA GLU B 104 24.95 8.36 4.36
C GLU B 104 24.23 7.37 3.46
N ALA B 105 22.90 7.46 3.39
CA ALA B 105 22.14 6.53 2.58
C ALA B 105 22.51 6.64 1.11
N VAL B 106 22.47 7.86 0.57
CA VAL B 106 22.82 8.05 -0.85
C VAL B 106 24.25 7.60 -1.11
N LEU B 107 25.18 7.96 -0.21
CA LEU B 107 26.57 7.56 -0.39
C LEU B 107 26.71 6.05 -0.50
N ASP B 108 25.91 5.31 0.27
CA ASP B 108 25.99 3.86 0.24
C ASP B 108 25.67 3.31 -1.14
N ILE B 109 24.63 3.84 -1.79
CA ILE B 109 24.33 3.44 -3.16
C ILE B 109 25.51 3.77 -4.07
N ASN B 110 26.04 4.99 -3.96
CA ASN B 110 27.22 5.36 -4.72
C ASN B 110 28.34 4.33 -4.57
N LYS B 111 28.58 3.89 -3.33
CA LYS B 111 29.66 2.94 -3.07
C LYS B 111 29.37 1.59 -3.72
N SER B 112 28.11 1.16 -3.72
CA SER B 112 27.79 -0.16 -4.25
C SER B 112 27.88 -0.16 -5.78
N TYR B 113 27.28 0.82 -6.43
CA TYR B 113 27.36 0.90 -7.88
C TYR B 113 28.81 0.85 -8.36
N GLU B 114 29.69 1.59 -7.70
CA GLU B 114 31.12 1.34 -7.87
C GLU B 114 31.48 0.04 -7.17
N GLY B 115 32.42 -0.69 -7.75
CA GLY B 115 32.64 -2.06 -7.31
C GLY B 115 31.78 -3.02 -8.09
N MET B 116 30.57 -2.62 -8.43
CA MET B 116 29.85 -3.28 -9.52
C MET B 116 30.67 -3.22 -10.80
N PHE B 117 31.28 -2.06 -11.07
CA PHE B 117 32.22 -1.95 -12.17
C PHE B 117 33.50 -2.74 -11.91
N ASN B 118 34.01 -2.66 -10.68
CA ASN B 118 35.28 -3.30 -10.38
C ASN B 118 35.18 -4.82 -10.50
N ASP B 119 33.99 -5.38 -10.32
CA ASP B 119 33.81 -6.82 -10.28
C ASP B 119 33.16 -7.40 -11.54
N THR B 120 32.75 -6.56 -12.48
CA THR B 120 32.06 -7.02 -13.68
C THR B 120 32.95 -6.74 -14.89
N GLU B 121 33.44 -7.81 -15.52
CA GLU B 121 34.29 -7.66 -16.70
C GLU B 121 33.47 -7.17 -17.89
N GLY B 122 34.12 -6.41 -18.76
CA GLY B 122 33.44 -5.81 -19.88
C GLY B 122 32.61 -4.59 -19.54
N LEU B 123 32.58 -4.18 -18.28
CA LEU B 123 31.86 -3.00 -17.83
C LEU B 123 32.84 -2.08 -17.13
N ASP B 124 33.18 -0.96 -17.77
CA ASP B 124 34.19 -0.05 -17.28
C ASP B 124 33.62 1.37 -17.18
N PHE B 125 33.99 2.07 -16.11
CA PHE B 125 33.56 3.43 -15.84
C PHE B 125 34.67 4.42 -16.15
N PHE B 126 34.29 5.61 -16.61
CA PHE B 126 35.25 6.65 -16.97
C PHE B 126 34.77 7.97 -16.39
N LEU B 127 35.52 8.51 -15.43
CA LEU B 127 35.17 9.78 -14.81
C LEU B 127 35.56 10.93 -15.74
N GLY B 128 34.60 11.79 -16.06
CA GLY B 128 34.86 12.90 -16.95
C GLY B 128 33.58 13.37 -17.62
N TRP B 129 33.76 14.22 -18.62
CA TRP B 129 32.66 14.81 -19.36
C TRP B 129 32.66 14.24 -20.78
N GLY B 130 31.57 13.56 -21.13
CA GLY B 130 31.47 12.92 -22.43
C GLY B 130 30.83 13.83 -23.47
N SER B 131 31.30 13.69 -24.70
CA SER B 131 30.76 14.45 -25.81
C SER B 131 31.10 13.72 -27.10
N LEU B 132 30.34 14.01 -28.15
CA LEU B 132 30.52 13.34 -29.43
C LEU B 132 31.61 14.05 -30.22
N GLU B 133 32.63 13.30 -30.63
CA GLU B 133 33.65 13.82 -31.53
C GLU B 133 33.39 13.44 -32.98
N SER B 134 32.86 12.25 -33.21
CA SER B 134 32.47 11.79 -34.54
C SER B 134 31.36 10.76 -34.38
N LYS B 135 30.91 10.21 -35.51
CA LYS B 135 29.81 9.24 -35.46
C LYS B 135 30.17 7.98 -34.66
N ASN B 136 31.47 7.74 -34.41
CA ASN B 136 31.89 6.52 -33.74
C ASN B 136 32.97 6.76 -32.68
N VAL B 137 33.08 7.98 -32.15
CA VAL B 137 34.12 8.30 -31.17
C VAL B 137 33.52 9.21 -30.11
N VAL B 138 33.56 8.77 -28.85
CA VAL B 138 33.20 9.60 -27.71
C VAL B 138 34.50 10.09 -27.07
N VAL B 139 34.59 11.40 -26.84
CA VAL B 139 35.75 11.97 -26.14
C VAL B 139 35.34 12.27 -24.71
N VAL B 140 36.26 12.00 -23.78
CA VAL B 140 36.05 12.29 -22.36
C VAL B 140 37.05 13.37 -21.97
N ARG B 141 36.54 14.57 -21.68
CA ARG B 141 37.37 15.70 -21.29
C ARG B 141 37.27 15.93 -19.79
N GLU B 142 38.17 16.78 -19.29
CA GLU B 142 38.28 17.02 -17.85
C GLU B 142 37.18 17.94 -17.32
N THR B 143 36.53 18.72 -18.17
CA THR B 143 35.43 19.58 -17.74
C THR B 143 34.42 19.69 -18.87
N ALA B 144 33.25 20.24 -18.54
CA ALA B 144 32.20 20.42 -19.54
C ALA B 144 32.62 21.34 -20.67
N ASP B 145 33.75 22.03 -20.55
CA ASP B 145 34.18 22.97 -21.56
C ASP B 145 34.92 22.22 -22.67
N PRO B 146 34.62 22.52 -23.95
CA PRO B 146 35.33 21.83 -25.03
C PRO B 146 36.82 22.13 -25.08
N LYS B 147 37.27 23.24 -24.49
CA LYS B 147 38.68 23.61 -24.48
C LYS B 147 39.49 22.88 -23.44
N SER B 148 38.86 22.06 -22.58
CA SER B 148 39.57 21.39 -21.51
C SER B 148 40.26 20.12 -22.04
N ALA B 149 41.08 19.54 -21.18
CA ALA B 149 41.97 18.45 -21.60
C ALA B 149 41.20 17.17 -21.89
N VAL B 150 41.62 16.47 -22.93
CA VAL B 150 41.07 15.16 -23.26
C VAL B 150 41.65 14.13 -22.31
N LYS B 151 40.79 13.34 -21.68
CA LYS B 151 41.24 12.22 -20.87
C LYS B 151 41.30 10.93 -21.69
N GLU B 152 40.26 10.68 -22.47
CA GLU B 152 40.15 9.44 -23.24
C GLU B 152 39.46 9.72 -24.56
N ARG B 153 39.69 8.82 -25.51
CA ARG B 153 38.92 8.74 -26.74
C ARG B 153 38.44 7.30 -26.88
N LEU B 154 37.13 7.09 -26.78
CA LEU B 154 36.55 5.77 -26.77
C LEU B 154 35.93 5.47 -28.12
N GLN B 155 36.43 4.43 -28.79
CA GLN B 155 35.80 3.93 -30.00
C GLN B 155 34.53 3.17 -29.64
N ALA B 156 33.46 3.43 -30.38
CA ALA B 156 32.15 2.89 -30.03
C ALA B 156 31.42 2.46 -31.29
N ASP B 157 30.99 1.19 -31.32
CA ASP B 157 30.07 0.77 -32.37
C ASP B 157 28.69 1.37 -32.15
N HIS B 158 28.34 1.66 -30.90
CA HIS B 158 27.05 2.25 -30.55
C HIS B 158 27.25 3.22 -29.40
N ILE B 159 26.63 4.39 -29.52
CA ILE B 159 26.69 5.43 -28.49
C ILE B 159 25.28 5.67 -27.98
N LEU B 160 25.13 5.76 -26.66
CA LEU B 160 23.84 5.96 -26.01
C LEU B 160 23.91 7.24 -25.18
N LEU B 161 23.12 8.23 -25.57
CA LEU B 161 23.04 9.47 -24.81
C LEU B 161 22.02 9.31 -23.68
N ALA B 162 22.47 9.53 -22.45
CA ALA B 162 21.62 9.33 -21.28
C ALA B 162 21.99 10.31 -20.17
N THR B 163 22.12 11.58 -20.55
CA THR B 163 22.53 12.65 -19.63
C THR B 163 21.36 13.29 -18.89
N GLY B 164 20.14 12.81 -19.07
CA GLY B 164 19.03 13.29 -18.26
C GLY B 164 18.66 14.74 -18.55
N SER B 165 18.27 15.44 -17.48
CA SER B 165 17.76 16.81 -17.58
C SER B 165 18.43 17.69 -16.53
N TRP B 166 18.05 18.96 -16.51
CA TRP B 166 18.65 19.95 -15.62
C TRP B 166 17.60 20.96 -15.22
N PRO B 167 17.68 21.50 -13.99
CA PRO B 167 16.69 22.48 -13.55
C PRO B 167 16.63 23.68 -14.48
N GLN B 168 15.41 24.09 -14.82
CA GLN B 168 15.18 25.31 -15.58
C GLN B 168 15.06 26.48 -14.59
N MET B 169 15.80 27.54 -14.86
CA MET B 169 15.82 28.71 -14.00
C MET B 169 15.40 29.95 -14.80
N PRO B 170 14.28 30.58 -14.46
CA PRO B 170 13.85 31.76 -15.21
C PRO B 170 14.88 32.88 -15.09
N ALA B 171 15.01 33.66 -16.16
CA ALA B 171 16.03 34.71 -16.24
C ALA B 171 15.45 36.04 -15.74
N ILE B 172 15.11 36.07 -14.45
CA ILE B 172 14.65 37.29 -13.79
C ILE B 172 15.84 37.90 -13.06
N PRO B 173 15.83 39.22 -12.80
CA PRO B 173 16.92 39.82 -12.03
C PRO B 173 16.86 39.41 -10.57
N GLY B 174 18.00 39.01 -10.03
CA GLY B 174 18.06 38.42 -8.72
C GLY B 174 18.08 36.89 -8.72
N ILE B 175 17.92 36.28 -9.89
CA ILE B 175 17.98 34.82 -10.01
C ILE B 175 19.25 34.29 -9.34
N GLU B 176 20.30 35.09 -9.27
CA GLU B 176 21.51 34.69 -8.56
C GLU B 176 21.20 34.33 -7.11
N HIS B 177 20.20 34.97 -6.52
CA HIS B 177 19.84 34.79 -5.12
C HIS B 177 18.87 33.63 -4.90
N CYS B 178 18.57 32.85 -5.94
CA CYS B 178 17.67 31.72 -5.83
C CYS B 178 18.44 30.42 -5.98
N ILE B 179 17.78 29.32 -5.61
CA ILE B 179 18.32 27.98 -5.74
C ILE B 179 17.32 27.13 -6.52
N SER B 180 17.70 25.88 -6.79
CA SER B 180 16.80 24.91 -7.38
C SER B 180 16.71 23.69 -6.46
N SER B 181 16.11 22.61 -6.96
CA SER B 181 16.02 21.40 -6.17
C SER B 181 17.40 20.88 -5.78
N ASN B 182 18.35 20.94 -6.72
CA ASN B 182 19.71 20.45 -6.48
C ASN B 182 20.29 20.96 -5.16
N GLU B 183 20.34 22.28 -5.00
CA GLU B 183 20.97 22.84 -3.80
C GLU B 183 20.10 22.69 -2.56
N ALA B 184 18.79 22.57 -2.73
CA ALA B 184 17.93 22.40 -1.56
C ALA B 184 18.29 21.15 -0.78
N PHE B 185 18.80 20.12 -1.46
CA PHE B 185 19.20 18.89 -0.81
C PHE B 185 20.42 19.08 0.10
N TYR B 186 20.97 20.30 0.15
CA TYR B 186 22.22 20.51 0.87
C TYR B 186 22.23 21.79 1.69
N LEU B 187 21.07 22.34 2.04
CA LEU B 187 21.05 23.57 2.80
C LEU B 187 21.70 23.37 4.17
N PRO B 188 22.45 24.35 4.66
CA PRO B 188 23.04 24.22 6.00
C PRO B 188 22.00 24.19 7.11
N GLU B 189 20.90 24.90 6.94
CA GLU B 189 19.85 25.03 7.94
C GLU B 189 18.50 25.10 7.25
N PRO B 190 17.43 24.73 7.94
CA PRO B 190 16.09 24.79 7.33
C PRO B 190 15.62 26.23 7.24
N PRO B 191 15.13 26.66 6.07
CA PRO B 191 14.67 28.04 5.93
C PRO B 191 13.44 28.32 6.80
N ARG B 192 13.47 29.46 7.50
CA ARG B 192 12.32 29.86 8.30
C ARG B 192 11.17 30.29 7.40
N ARG B 193 11.41 31.23 6.50
CA ARG B 193 10.48 31.56 5.44
C ARG B 193 11.05 31.04 4.12
N VAL B 194 10.25 30.32 3.36
CA VAL B 194 10.68 29.78 2.08
C VAL B 194 9.57 29.96 1.07
N LEU B 195 9.96 30.15 -0.18
CA LEU B 195 9.01 30.29 -1.29
C LEU B 195 9.43 29.29 -2.38
N THR B 196 8.66 28.22 -2.53
CA THR B 196 8.83 27.30 -3.65
C THR B 196 8.02 27.82 -4.84
N VAL B 197 8.61 27.77 -6.02
CA VAL B 197 8.03 28.36 -7.22
C VAL B 197 7.74 27.24 -8.21
N GLY B 198 6.48 27.14 -8.61
CA GLY B 198 6.05 26.11 -9.56
C GLY B 198 4.91 25.29 -9.00
N GLY B 199 4.01 24.89 -9.88
CA GLY B 199 2.90 24.03 -9.51
C GLY B 199 3.14 22.55 -9.73
N GLY B 200 4.37 22.13 -9.99
CA GLY B 200 4.68 20.75 -10.25
C GLY B 200 4.88 19.93 -8.98
N PHE B 201 5.22 18.66 -9.19
CA PHE B 201 5.36 17.75 -8.05
C PHE B 201 6.60 18.08 -7.21
N ILE B 202 7.63 18.64 -7.83
CA ILE B 202 8.84 18.99 -7.08
C ILE B 202 8.54 20.10 -6.09
N SER B 203 7.93 21.19 -6.57
CA SER B 203 7.59 22.30 -5.67
C SER B 203 6.70 21.82 -4.53
N VAL B 204 5.66 21.04 -4.84
CA VAL B 204 4.73 20.57 -3.83
C VAL B 204 5.45 19.70 -2.80
N GLU B 205 6.10 18.63 -3.26
CA GLU B 205 6.78 17.72 -2.35
C GLU B 205 7.72 18.48 -1.41
N PHE B 206 8.52 19.40 -1.96
CA PHE B 206 9.46 20.15 -1.13
C PHE B 206 8.74 21.06 -0.15
N ALA B 207 7.60 21.63 -0.55
CA ALA B 207 6.84 22.47 0.38
C ALA B 207 6.52 21.71 1.66
N GLY B 208 6.23 20.41 1.54
CA GLY B 208 5.93 19.63 2.72
C GLY B 208 7.13 19.41 3.61
N ILE B 209 8.29 19.19 3.00
CA ILE B 209 9.51 18.97 3.78
C ILE B 209 9.87 20.23 4.56
N PHE B 210 9.95 21.37 3.88
CA PHE B 210 10.24 22.63 4.56
C PHE B 210 9.21 22.94 5.64
N ASN B 211 7.94 22.65 5.37
CA ASN B 211 6.89 22.89 6.36
C ASN B 211 7.11 22.05 7.61
N ALA B 212 7.69 20.86 7.47
CA ALA B 212 7.92 20.00 8.63
C ALA B 212 9.09 20.50 9.47
N TYR B 213 10.16 20.95 8.83
CA TYR B 213 11.41 21.30 9.50
C TYR B 213 11.59 22.80 9.73
N LYS B 214 10.67 23.63 9.26
CA LYS B 214 10.82 25.05 9.49
C LYS B 214 10.99 25.31 10.99
N PRO B 215 11.88 26.20 11.38
CA PRO B 215 12.00 26.53 12.80
C PRO B 215 10.77 27.27 13.27
N PRO B 216 10.62 27.45 14.59
CA PRO B 216 9.41 28.12 15.10
C PRO B 216 9.19 29.45 14.41
N GLY B 217 7.93 29.77 14.17
CA GLY B 217 7.59 31.02 13.50
C GLY B 217 8.00 31.06 12.05
N GLY B 218 8.02 29.92 11.37
CA GLY B 218 8.31 29.86 9.96
C GLY B 218 7.02 29.86 9.14
N LYS B 219 7.20 29.88 7.83
CA LYS B 219 6.05 29.93 6.93
C LYS B 219 6.49 29.52 5.54
N VAL B 220 6.09 28.33 5.11
CA VAL B 220 6.31 27.90 3.73
C VAL B 220 5.28 28.57 2.84
N THR B 221 5.71 29.03 1.66
CA THR B 221 4.84 29.69 0.71
C THR B 221 5.12 29.11 -0.67
N LEU B 222 4.10 28.52 -1.28
CA LEU B 222 4.20 28.00 -2.64
C LEU B 222 3.40 28.90 -3.56
N CYS B 223 4.00 29.26 -4.70
CA CYS B 223 3.32 30.07 -5.69
C CYS B 223 3.36 29.37 -7.04
N TYR B 224 2.33 29.60 -7.84
CA TYR B 224 2.21 29.01 -9.16
C TYR B 224 1.52 29.99 -10.08
N ARG B 225 2.10 30.24 -11.26
CA ARG B 225 1.63 31.34 -12.09
C ARG B 225 0.22 31.13 -12.62
N ASN B 226 -0.30 29.90 -12.59
CA ASN B 226 -1.67 29.65 -13.03
C ASN B 226 -2.57 29.46 -11.81
N ASN B 227 -3.81 29.05 -12.06
CA ASN B 227 -4.86 29.08 -11.05
C ASN B 227 -4.94 27.80 -10.22
N LEU B 228 -4.32 26.71 -10.65
CA LEU B 228 -4.42 25.45 -9.93
C LEU B 228 -3.11 24.68 -10.08
N ILE B 229 -2.66 24.09 -8.97
CA ILE B 229 -1.39 23.38 -8.97
C ILE B 229 -1.59 21.97 -9.53
N LEU B 230 -0.47 21.37 -9.95
CA LEU B 230 -0.47 19.99 -10.43
C LEU B 230 -1.31 19.83 -11.69
N ARG B 231 -1.06 20.70 -12.67
CA ARG B 231 -1.65 20.52 -13.99
C ARG B 231 -1.36 19.11 -14.50
N GLY B 232 -2.30 18.56 -15.26
CA GLY B 232 -2.15 17.21 -15.78
C GLY B 232 -2.58 16.10 -14.84
N PHE B 233 -2.76 16.39 -13.56
CA PHE B 233 -3.34 15.43 -12.63
C PHE B 233 -4.85 15.57 -12.60
N ASP B 234 -5.51 14.55 -12.08
CA ASP B 234 -6.96 14.58 -11.93
C ASP B 234 -7.39 15.81 -11.13
N GLU B 235 -8.37 16.54 -11.67
CA GLU B 235 -8.71 17.85 -11.12
C GLU B 235 -9.12 17.75 -9.64
N THR B 236 -10.07 16.87 -9.32
CA THR B 236 -10.52 16.74 -7.94
C THR B 236 -9.35 16.51 -6.98
N ILE B 237 -8.40 15.68 -7.38
CA ILE B 237 -7.21 15.48 -6.56
C ILE B 237 -6.41 16.77 -6.46
N ARG B 238 -6.23 17.46 -7.60
CA ARG B 238 -5.54 18.75 -7.59
C ARG B 238 -6.10 19.66 -6.51
N GLU B 239 -7.43 19.71 -6.40
CA GLU B 239 -8.07 20.63 -5.48
C GLU B 239 -8.08 20.12 -4.05
N GLU B 240 -8.09 18.80 -3.85
CA GLU B 240 -8.01 18.26 -2.50
C GLU B 240 -6.60 18.42 -1.93
N VAL B 241 -5.58 18.19 -2.76
CA VAL B 241 -4.21 18.38 -2.29
C VAL B 241 -3.96 19.85 -1.96
N THR B 242 -4.56 20.76 -2.71
CA THR B 242 -4.47 22.17 -2.37
C THR B 242 -5.08 22.44 -1.00
N LYS B 243 -6.25 21.86 -0.72
CA LYS B 243 -6.89 22.05 0.57
C LYS B 243 -6.07 21.46 1.71
N GLN B 244 -5.57 20.23 1.54
CA GLN B 244 -4.82 19.57 2.60
C GLN B 244 -3.47 20.23 2.82
N LEU B 245 -2.87 20.80 1.77
CA LEU B 245 -1.66 21.58 1.95
C LEU B 245 -1.94 22.82 2.79
N THR B 246 -2.96 23.59 2.42
CA THR B 246 -3.35 24.73 3.22
C THR B 246 -3.72 24.32 4.63
N ALA B 247 -4.23 23.09 4.81
CA ALA B 247 -4.61 22.61 6.12
C ALA B 247 -3.41 22.30 7.02
N ASN B 248 -2.21 22.17 6.44
CA ASN B 248 -1.03 21.83 7.21
C ASN B 248 -0.14 23.02 7.52
N GLY B 249 -0.36 24.16 6.88
CA GLY B 249 0.43 25.36 7.16
C GLY B 249 0.97 26.04 5.92
N ILE B 250 0.96 25.32 4.81
CA ILE B 250 1.50 25.84 3.55
C ILE B 250 0.51 26.83 2.96
N GLU B 251 1.00 28.01 2.58
CA GLU B 251 0.21 29.00 1.86
C GLU B 251 0.47 28.87 0.38
N ILE B 252 -0.60 28.85 -0.42
CA ILE B 252 -0.53 28.59 -1.85
C ILE B 252 -0.93 29.86 -2.59
N MET B 253 0.06 30.51 -3.21
CA MET B 253 -0.16 31.74 -3.97
C MET B 253 -0.31 31.37 -5.44
N THR B 254 -1.56 31.28 -5.91
CA THR B 254 -1.82 30.97 -7.30
C THR B 254 -1.99 32.25 -8.12
N ASN B 255 -1.92 32.09 -9.43
CA ASN B 255 -1.92 33.24 -10.35
C ASN B 255 -0.87 34.26 -9.94
N GLU B 256 0.31 33.75 -9.59
CA GLU B 256 1.43 34.57 -9.16
C GLU B 256 2.72 34.00 -9.70
N ASN B 257 3.63 34.90 -10.12
CA ASN B 257 4.90 34.51 -10.67
C ASN B 257 5.92 35.56 -10.26
N PRO B 258 7.06 35.14 -9.69
CA PRO B 258 8.05 36.13 -9.21
C PRO B 258 8.60 36.95 -10.36
N ALA B 259 8.78 38.24 -10.11
CA ALA B 259 9.28 39.17 -11.10
C ALA B 259 10.72 39.62 -10.85
N LYS B 260 11.16 39.66 -9.60
CA LYS B 260 12.55 39.97 -9.29
C LYS B 260 12.82 39.71 -7.82
N VAL B 261 14.07 39.42 -7.50
CA VAL B 261 14.52 39.19 -6.14
C VAL B 261 15.65 40.16 -5.84
N SER B 262 15.75 40.59 -4.59
CA SER B 262 16.81 41.49 -4.18
C SER B 262 17.22 41.17 -2.74
N LEU B 263 18.46 41.53 -2.42
CA LEU B 263 19.01 41.23 -1.10
C LEU B 263 18.61 42.28 -0.08
N ASN B 264 18.33 41.83 1.13
CA ASN B 264 18.10 42.70 2.27
C ASN B 264 19.37 42.83 3.11
N THR B 265 19.38 43.83 3.99
CA THR B 265 20.54 44.05 4.84
C THR B 265 20.93 42.79 5.60
N ASP B 266 19.95 42.15 6.23
CA ASP B 266 20.23 40.94 6.99
C ASP B 266 20.78 39.82 6.12
N GLY B 267 20.43 39.82 4.83
CA GLY B 267 20.79 38.75 3.94
C GLY B 267 19.65 37.90 3.45
N SER B 268 18.40 38.24 3.81
CA SER B 268 17.24 37.54 3.30
C SER B 268 16.88 38.04 1.91
N LYS B 269 15.77 37.55 1.38
CA LYS B 269 15.36 37.84 0.02
C LYS B 269 14.10 38.69 0.01
N HIS B 270 13.95 39.50 -1.04
CA HIS B 270 12.81 40.40 -1.21
C HIS B 270 12.23 40.10 -2.59
N VAL B 271 11.20 39.27 -2.63
CA VAL B 271 10.58 38.88 -3.89
C VAL B 271 9.53 39.90 -4.29
N THR B 272 9.41 40.17 -5.59
CA THR B 272 8.38 41.04 -6.12
C THR B 272 7.72 40.34 -7.29
N PHE B 273 6.44 40.01 -7.14
CA PHE B 273 5.75 39.26 -8.18
C PHE B 273 5.28 40.20 -9.29
N GLU B 274 4.78 39.58 -10.37
CA GLU B 274 4.24 40.36 -11.48
C GLU B 274 3.05 41.20 -11.03
N SER B 275 2.09 40.56 -10.36
CA SER B 275 0.90 41.28 -9.92
C SER B 275 1.22 42.50 -9.08
N GLY B 276 2.39 42.53 -8.44
CA GLY B 276 2.86 43.67 -7.68
C GLY B 276 3.19 43.37 -6.23
N LYS B 277 2.51 42.40 -5.63
CA LYS B 277 2.74 42.08 -4.23
C LYS B 277 4.21 41.72 -3.99
N THR B 278 4.57 41.60 -2.70
CA THR B 278 5.93 41.30 -2.32
C THR B 278 5.91 40.39 -1.09
N LEU B 279 6.93 39.54 -0.99
CA LEU B 279 7.10 38.63 0.14
C LEU B 279 8.57 38.59 0.54
N ASP B 280 8.81 38.57 1.83
CA ASP B 280 10.16 38.43 2.38
C ASP B 280 10.35 37.00 2.87
N VAL B 281 11.33 36.31 2.29
CA VAL B 281 11.60 34.91 2.62
C VAL B 281 13.11 34.73 2.73
N ASP B 282 13.49 33.63 3.40
CA ASP B 282 14.90 33.31 3.58
C ASP B 282 15.49 32.51 2.41
N VAL B 283 14.65 31.81 1.66
CA VAL B 283 15.10 31.02 0.52
C VAL B 283 14.04 31.10 -0.57
N VAL B 284 14.49 31.05 -1.81
CA VAL B 284 13.61 30.99 -2.97
C VAL B 284 14.04 29.80 -3.81
N MET B 285 13.23 28.74 -3.81
CA MET B 285 13.55 27.52 -4.54
C MET B 285 12.74 27.48 -5.83
N MET B 286 13.42 27.29 -6.95
CA MET B 286 12.79 27.26 -8.26
C MET B 286 12.56 25.81 -8.69
N ALA B 287 11.30 25.51 -9.05
CA ALA B 287 10.93 24.19 -9.54
C ALA B 287 9.84 24.37 -10.59
N ILE B 288 10.15 25.17 -11.62
CA ILE B 288 9.19 25.45 -12.68
C ILE B 288 9.31 24.47 -13.84
N GLY B 289 10.24 23.54 -13.78
CA GLY B 289 10.40 22.57 -14.85
C GLY B 289 11.86 22.20 -15.01
N ARG B 290 12.08 21.25 -15.92
CA ARG B 290 13.41 20.72 -16.16
C ARG B 290 13.59 20.50 -17.66
N ILE B 291 14.76 20.89 -18.17
CA ILE B 291 15.02 20.91 -19.60
C ILE B 291 16.05 19.83 -19.95
N PRO B 292 15.94 19.20 -21.13
CA PRO B 292 16.86 18.12 -21.48
C PRO B 292 18.30 18.63 -21.52
N ARG B 293 19.22 17.80 -21.03
CA ARG B 293 20.61 18.20 -20.82
C ARG B 293 21.44 17.88 -22.06
N THR B 294 21.14 18.64 -23.12
CA THR B 294 21.85 18.54 -24.39
C THR B 294 22.98 19.55 -24.51
N ASN B 295 23.27 20.30 -23.44
CA ASN B 295 24.10 21.48 -23.56
C ASN B 295 25.54 21.13 -23.90
N ASP B 296 26.11 20.12 -23.25
CA ASP B 296 27.55 19.86 -23.32
C ASP B 296 27.91 18.67 -24.20
N LEU B 297 26.95 18.13 -24.96
CA LEU B 297 27.17 16.91 -25.71
C LEU B 297 27.74 17.12 -27.10
N GLN B 298 27.77 18.35 -27.59
CA GLN B 298 28.34 18.63 -28.91
C GLN B 298 27.56 17.93 -30.02
N LEU B 299 26.23 17.84 -29.84
CA LEU B 299 25.41 17.14 -30.83
C LEU B 299 25.58 17.71 -32.23
N GLY B 300 25.98 18.98 -32.35
CA GLY B 300 26.14 19.59 -33.65
C GLY B 300 27.30 19.04 -34.45
N ASN B 301 28.32 18.49 -33.78
CA ASN B 301 29.45 17.88 -34.49
C ASN B 301 29.04 16.67 -35.31
N VAL B 302 27.89 16.08 -35.01
CA VAL B 302 27.45 14.86 -35.68
C VAL B 302 26.17 15.11 -36.45
N GLY B 303 25.34 16.03 -35.94
CA GLY B 303 24.06 16.30 -36.58
C GLY B 303 22.87 15.62 -35.93
N VAL B 304 23.00 15.21 -34.67
CA VAL B 304 21.86 14.65 -33.95
C VAL B 304 20.77 15.71 -33.86
N LYS B 305 19.62 15.43 -34.43
CA LYS B 305 18.54 16.41 -34.50
C LYS B 305 17.77 16.46 -33.18
N LEU B 306 17.39 17.67 -32.78
CA LEU B 306 16.63 17.89 -31.56
C LEU B 306 15.16 18.12 -31.89
N THR B 307 14.32 17.85 -30.89
CA THR B 307 12.90 18.04 -31.06
C THR B 307 12.53 19.52 -31.01
N PRO B 308 11.46 19.92 -31.68
CA PRO B 308 11.00 21.32 -31.55
C PRO B 308 10.77 21.74 -30.11
N LYS B 309 10.54 20.79 -29.21
CA LYS B 309 10.43 21.11 -27.79
C LYS B 309 11.77 21.13 -27.08
N GLY B 310 12.84 20.61 -27.70
CA GLY B 310 14.18 20.77 -27.18
C GLY B 310 14.87 19.48 -26.79
N GLY B 311 14.18 18.34 -26.81
CA GLY B 311 14.81 17.09 -26.51
C GLY B 311 15.45 16.45 -27.72
N VAL B 312 16.19 15.37 -27.48
CA VAL B 312 16.79 14.61 -28.58
C VAL B 312 15.71 13.81 -29.28
N GLN B 313 15.64 13.92 -30.60
CA GLN B 313 14.59 13.28 -31.36
C GLN B 313 14.90 11.81 -31.54
N VAL B 314 13.92 10.97 -31.22
CA VAL B 314 14.08 9.51 -31.25
C VAL B 314 12.77 8.88 -31.70
N ASP B 315 12.88 7.76 -32.42
CA ASP B 315 11.71 6.98 -32.79
C ASP B 315 11.33 6.06 -31.63
N GLU B 316 10.40 5.13 -31.86
CA GLU B 316 9.90 4.26 -30.79
C GLU B 316 10.94 3.26 -30.32
N PHE B 317 12.07 3.13 -31.01
CA PHE B 317 13.15 2.25 -30.59
C PHE B 317 14.36 3.04 -30.10
N SER B 318 14.17 4.32 -29.78
CA SER B 318 15.21 5.16 -29.21
C SER B 318 16.31 5.54 -30.21
N ARG B 319 16.05 5.34 -31.50
CA ARG B 319 17.04 5.66 -32.53
C ARG B 319 16.98 7.13 -32.91
N THR B 320 18.15 7.75 -33.02
CA THR B 320 18.24 9.13 -33.47
C THR B 320 18.38 9.16 -34.99
N ASN B 321 18.39 10.36 -35.56
CA ASN B 321 18.58 10.50 -36.99
C ASN B 321 19.93 9.94 -37.43
N VAL B 322 20.94 10.02 -36.55
CA VAL B 322 22.27 9.51 -36.86
C VAL B 322 22.31 8.02 -36.54
N PRO B 323 22.79 7.19 -37.45
CA PRO B 323 22.80 5.74 -37.20
C PRO B 323 23.73 5.38 -36.04
N ASN B 324 23.30 4.40 -35.25
CA ASN B 324 24.07 3.83 -34.15
C ASN B 324 24.13 4.74 -32.94
N ILE B 325 23.45 5.87 -32.96
CA ILE B 325 23.35 6.77 -31.81
C ILE B 325 21.91 6.72 -31.29
N TYR B 326 21.77 6.55 -29.98
CA TYR B 326 20.47 6.37 -29.35
C TYR B 326 20.36 7.31 -28.15
N ALA B 327 19.12 7.56 -27.74
CA ALA B 327 18.85 8.43 -26.61
C ALA B 327 17.70 7.87 -25.79
N ILE B 328 17.79 8.05 -24.47
CA ILE B 328 16.76 7.59 -23.54
C ILE B 328 16.70 8.54 -22.35
N GLY B 329 15.61 8.44 -21.59
CA GLY B 329 15.49 9.17 -20.35
C GLY B 329 15.07 10.62 -20.55
N ASP B 330 15.33 11.42 -19.51
CA ASP B 330 14.91 12.81 -19.51
C ASP B 330 15.41 13.56 -20.72
N ILE B 331 16.48 13.09 -21.36
CA ILE B 331 17.03 13.83 -22.50
C ILE B 331 16.10 13.76 -23.70
N THR B 332 15.20 12.77 -23.76
CA THR B 332 14.22 12.70 -24.83
C THR B 332 12.99 13.57 -24.58
N ASP B 333 12.82 14.06 -23.36
CA ASP B 333 11.72 14.96 -23.01
C ASP B 333 10.36 14.33 -23.33
N ARG B 334 10.13 13.16 -22.71
CA ARG B 334 8.84 12.49 -22.79
C ARG B 334 8.23 12.39 -21.40
N LEU B 335 8.20 11.18 -20.86
CA LEU B 335 7.82 10.97 -19.46
C LEU B 335 9.11 10.94 -18.64
N MET B 336 9.28 11.94 -17.79
CA MET B 336 10.50 12.08 -17.00
C MET B 336 10.31 11.32 -15.69
N LEU B 337 10.46 10.00 -15.77
CA LEU B 337 10.36 9.10 -14.63
C LEU B 337 11.43 8.03 -14.73
N THR B 338 11.97 7.63 -13.58
CA THR B 338 13.07 6.66 -13.56
C THR B 338 12.68 5.33 -14.21
N PRO B 339 11.62 4.65 -13.79
CA PRO B 339 11.31 3.34 -14.40
C PRO B 339 11.11 3.40 -15.90
N VAL B 340 10.72 4.55 -16.45
CA VAL B 340 10.56 4.66 -17.89
C VAL B 340 11.92 4.58 -18.58
N ALA B 341 12.90 5.34 -18.08
CA ALA B 341 14.25 5.28 -18.64
C ALA B 341 14.85 3.89 -18.49
N ILE B 342 14.78 3.33 -17.27
CA ILE B 342 15.23 1.96 -17.03
C ILE B 342 14.61 1.02 -18.07
N ASN B 343 13.28 1.00 -18.14
CA ASN B 343 12.61 0.17 -19.14
C ASN B 343 13.04 0.56 -20.55
N GLU B 344 13.21 1.85 -20.80
CA GLU B 344 13.71 2.29 -22.11
C GLU B 344 15.11 1.74 -22.36
N GLY B 345 15.93 1.66 -21.32
CA GLY B 345 17.27 1.13 -21.50
C GLY B 345 17.27 -0.38 -21.70
N ALA B 346 16.61 -1.11 -20.80
CA ALA B 346 16.54 -2.56 -20.94
C ALA B 346 15.99 -2.98 -22.29
N ALA B 347 15.03 -2.21 -22.84
CA ALA B 347 14.49 -2.56 -24.14
C ALA B 347 15.48 -2.25 -25.25
N LEU B 348 16.17 -1.10 -25.15
CA LEU B 348 17.17 -0.75 -26.15
C LEU B 348 18.21 -1.85 -26.29
N VAL B 349 18.64 -2.42 -25.16
CA VAL B 349 19.66 -3.46 -25.19
C VAL B 349 19.12 -4.74 -25.82
N ASP B 350 17.94 -5.19 -25.36
CA ASP B 350 17.31 -6.37 -25.94
C ASP B 350 17.20 -6.25 -27.46
N THR B 351 16.85 -5.06 -27.94
CA THR B 351 16.66 -4.88 -29.38
C THR B 351 17.99 -4.95 -30.13
N VAL B 352 19.00 -4.26 -29.64
CA VAL B 352 20.25 -4.14 -30.39
C VAL B 352 21.10 -5.40 -30.25
N PHE B 353 21.20 -5.94 -29.04
CA PHE B 353 22.07 -7.09 -28.78
C PHE B 353 21.30 -8.38 -28.55
N GLY B 354 20.05 -8.43 -29.00
CA GLY B 354 19.27 -9.66 -28.91
C GLY B 354 18.65 -10.01 -30.24
N ASN B 355 17.75 -10.99 -30.25
CA ASN B 355 17.00 -11.37 -31.43
C ASN B 355 15.50 -11.23 -31.19
N LYS B 356 15.13 -10.17 -30.49
CA LYS B 356 13.73 -9.86 -30.19
C LYS B 356 13.55 -8.36 -30.01
N PRO B 357 12.95 -7.67 -30.98
CA PRO B 357 12.71 -6.23 -30.81
C PRO B 357 11.73 -5.97 -29.67
N ARG B 358 12.04 -4.95 -28.88
CA ARG B 358 11.21 -4.54 -27.75
C ARG B 358 11.17 -3.03 -27.68
N LYS B 359 9.98 -2.47 -27.50
CA LYS B 359 9.78 -1.03 -27.40
C LYS B 359 8.95 -0.71 -26.17
N THR B 360 9.32 0.37 -25.49
CA THR B 360 8.70 0.73 -24.23
C THR B 360 7.30 1.31 -24.45
N ASP B 361 6.28 0.64 -23.91
CA ASP B 361 4.94 1.19 -23.93
C ASP B 361 4.88 2.40 -23.00
N HIS B 362 4.53 3.56 -23.56
CA HIS B 362 4.56 4.82 -22.83
C HIS B 362 3.20 5.23 -22.27
N THR B 363 2.14 4.48 -22.56
CA THR B 363 0.82 4.79 -22.06
C THR B 363 0.50 3.92 -20.84
N ARG B 364 -0.40 4.42 -20.00
CA ARG B 364 -0.85 3.69 -18.82
C ARG B 364 0.30 3.37 -17.88
N VAL B 365 1.15 4.37 -17.63
CA VAL B 365 2.27 4.25 -16.71
C VAL B 365 1.84 4.79 -15.36
N ALA B 366 1.99 3.97 -14.32
CA ALA B 366 1.61 4.39 -12.98
C ALA B 366 2.74 5.18 -12.34
N SER B 367 2.47 6.43 -12.00
CA SER B 367 3.42 7.29 -11.31
C SER B 367 2.83 7.73 -9.98
N ALA B 368 3.63 8.45 -9.20
CA ALA B 368 3.22 8.85 -7.86
C ALA B 368 3.69 10.28 -7.61
N VAL B 369 3.25 10.82 -6.47
CA VAL B 369 3.65 12.15 -6.02
C VAL B 369 3.62 12.12 -4.50
N PHE B 370 4.79 12.28 -3.87
CA PHE B 370 4.90 12.07 -2.43
C PHE B 370 4.67 13.36 -1.64
N SER B 371 3.52 13.98 -1.89
CA SER B 371 3.01 15.01 -1.00
C SER B 371 2.55 14.34 0.30
N ILE B 372 1.91 15.11 1.17
CA ILE B 372 1.36 14.55 2.40
C ILE B 372 -0.09 14.99 2.55
N PRO B 373 -1.06 14.11 2.33
CA PRO B 373 -0.81 12.71 1.94
C PRO B 373 -0.41 12.58 0.48
N PRO B 374 0.07 11.41 0.08
CA PRO B 374 0.64 11.22 -1.26
C PRO B 374 -0.44 11.05 -2.33
N ILE B 375 0.02 10.94 -3.58
CA ILE B 375 -0.85 10.70 -4.72
C ILE B 375 -0.35 9.48 -5.49
N GLY B 376 -1.27 8.62 -5.87
CA GLY B 376 -0.96 7.54 -6.79
C GLY B 376 -1.95 7.60 -7.93
N THR B 377 -1.43 7.47 -9.15
CA THR B 377 -2.27 7.60 -10.34
C THR B 377 -1.73 6.66 -11.42
N CYS B 378 -2.57 6.44 -12.43
CA CYS B 378 -2.22 5.57 -13.54
C CYS B 378 -3.28 5.63 -14.64
N GLY B 379 -2.87 6.02 -15.84
CA GLY B 379 -3.80 6.11 -16.95
C GLY B 379 -4.31 7.51 -17.18
N LEU B 380 -5.44 7.59 -17.87
CA LEU B 380 -5.99 8.87 -18.27
C LEU B 380 -6.85 9.48 -17.17
N ILE B 381 -7.03 10.79 -17.27
CA ILE B 381 -7.92 11.53 -16.38
C ILE B 381 -9.16 11.92 -17.18
N GLU B 382 -10.21 12.24 -16.45
CA GLU B 382 -11.47 12.60 -17.04
C GLU B 382 -11.38 13.34 -18.36
N GLU B 383 -10.82 14.53 -18.30
CA GLU B 383 -10.81 15.42 -19.46
C GLU B 383 -10.31 14.71 -20.71
N VAL B 384 -9.17 14.03 -20.60
CA VAL B 384 -8.57 13.39 -21.77
C VAL B 384 -9.45 12.26 -22.29
N ALA B 385 -10.00 11.45 -21.37
CA ALA B 385 -10.89 10.37 -21.80
C ALA B 385 -12.08 10.90 -22.58
N ALA B 386 -12.61 12.07 -22.18
CA ALA B 386 -13.75 12.64 -22.89
C ALA B 386 -13.38 13.11 -24.28
N LYS B 387 -12.10 13.45 -24.51
CA LYS B 387 -11.64 13.80 -25.84
C LYS B 387 -11.41 12.59 -26.72
N GLU B 388 -11.34 11.39 -26.14
CA GLU B 388 -10.94 10.19 -26.87
C GLU B 388 -12.05 9.18 -27.09
N PHE B 389 -13.02 9.09 -26.17
CA PHE B 389 -14.02 8.03 -26.24
C PHE B 389 -15.43 8.60 -26.33
N GLU B 390 -16.34 7.76 -26.81
CA GLU B 390 -17.73 8.12 -27.02
C GLU B 390 -18.42 8.43 -25.69
N LYS B 391 -18.69 7.41 -24.90
CA LYS B 391 -19.31 7.53 -23.59
C LYS B 391 -18.26 7.25 -22.52
N VAL B 392 -18.18 8.10 -21.51
CA VAL B 392 -17.19 7.98 -20.44
C VAL B 392 -17.91 7.96 -19.09
N ALA B 393 -17.59 6.98 -18.25
CA ALA B 393 -18.16 6.86 -16.92
C ALA B 393 -17.08 7.17 -15.88
N VAL B 394 -17.47 7.84 -14.81
CA VAL B 394 -16.56 8.24 -13.75
C VAL B 394 -17.06 7.64 -12.44
N TYR B 395 -16.34 6.65 -11.93
CA TYR B 395 -16.60 6.09 -10.61
C TYR B 395 -15.78 6.86 -9.59
N MET B 396 -16.43 7.29 -8.50
CA MET B 396 -15.80 8.18 -7.54
C MET B 396 -16.19 7.80 -6.12
N SER B 397 -15.29 8.08 -5.18
CA SER B 397 -15.49 7.77 -3.77
C SER B 397 -14.55 8.66 -2.96
N SER B 398 -15.11 9.41 -2.00
CA SER B 398 -14.33 10.37 -1.24
C SER B 398 -14.87 10.42 0.19
N PHE B 399 -13.98 10.24 1.16
CA PHE B 399 -14.36 10.22 2.56
C PHE B 399 -13.14 10.54 3.41
N THR B 400 -13.38 10.86 4.67
CA THR B 400 -12.30 10.96 5.65
C THR B 400 -12.22 9.63 6.38
N PRO B 401 -11.15 8.85 6.19
CA PRO B 401 -11.07 7.51 6.83
C PRO B 401 -11.33 7.58 8.32
N LEU B 402 -11.75 6.46 8.92
CA LEU B 402 -12.05 6.48 10.35
C LEU B 402 -10.82 6.79 11.17
N MET B 403 -9.67 6.21 10.80
CA MET B 403 -8.45 6.41 11.56
C MET B 403 -8.07 7.88 11.68
N HIS B 404 -8.54 8.73 10.78
CA HIS B 404 -8.22 10.16 10.85
C HIS B 404 -9.27 10.98 11.59
N ASN B 405 -10.51 10.48 11.68
CA ASN B 405 -11.46 11.10 12.60
C ASN B 405 -11.00 10.97 14.05
N ILE B 406 -10.12 10.02 14.33
CA ILE B 406 -9.57 9.86 15.67
C ILE B 406 -8.24 10.58 15.82
N SER B 407 -7.36 10.46 14.81
CA SER B 407 -6.08 11.14 14.88
C SER B 407 -6.22 12.65 15.03
N GLY B 408 -7.32 13.22 14.56
CA GLY B 408 -7.52 14.64 14.54
C GLY B 408 -7.32 15.27 13.16
N SER B 409 -6.60 14.60 12.27
CA SER B 409 -6.39 15.09 10.90
C SER B 409 -7.62 14.76 10.08
N LYS B 410 -8.68 15.55 10.32
CA LYS B 410 -9.97 15.33 9.67
C LYS B 410 -10.01 15.86 8.25
N TYR B 411 -9.05 16.70 7.86
CA TYR B 411 -9.02 17.18 6.48
C TYR B 411 -8.52 16.10 5.52
N LYS B 412 -7.74 15.14 6.03
CA LYS B 412 -7.14 14.11 5.20
C LYS B 412 -8.20 13.22 4.58
N LYS B 413 -8.92 13.76 3.59
CA LYS B 413 -9.94 12.99 2.90
C LYS B 413 -9.32 12.13 1.81
N PHE B 414 -9.57 10.83 1.89
CA PHE B 414 -9.20 9.92 0.82
C PHE B 414 -10.00 10.24 -0.45
N VAL B 415 -9.38 9.98 -1.59
CA VAL B 415 -10.04 10.14 -2.88
C VAL B 415 -9.65 8.97 -3.78
N ALA B 416 -10.61 8.50 -4.57
CA ALA B 416 -10.37 7.37 -5.47
C ALA B 416 -11.33 7.51 -6.65
N LYS B 417 -10.85 8.09 -7.74
CA LYS B 417 -11.62 8.17 -8.97
C LYS B 417 -11.33 6.95 -9.84
N ILE B 418 -12.26 6.67 -10.76
CA ILE B 418 -12.05 5.64 -11.77
C ILE B 418 -12.72 6.09 -13.06
N VAL B 419 -11.92 6.29 -14.10
CA VAL B 419 -12.41 6.70 -15.40
C VAL B 419 -12.66 5.46 -16.24
N THR B 420 -13.76 5.46 -16.99
CA THR B 420 -14.18 4.28 -17.74
C THR B 420 -14.67 4.72 -19.12
N ASN B 421 -14.52 3.81 -20.09
CA ASN B 421 -15.23 3.91 -21.35
C ASN B 421 -16.53 3.13 -21.19
N HIS B 422 -17.65 3.85 -21.07
CA HIS B 422 -18.92 3.20 -20.81
C HIS B 422 -19.39 2.33 -21.98
N SER B 423 -18.70 2.37 -23.12
CA SER B 423 -19.07 1.52 -24.25
C SER B 423 -18.65 0.08 -24.09
N ASP B 424 -17.85 -0.25 -23.06
CA ASP B 424 -17.39 -1.61 -22.84
C ASP B 424 -17.01 -1.86 -21.39
N GLY B 425 -16.61 -0.80 -20.67
CA GLY B 425 -16.30 -0.89 -19.25
C GLY B 425 -14.82 -0.89 -18.93
N THR B 426 -13.94 -0.92 -19.93
CA THR B 426 -12.52 -0.98 -19.67
C THR B 426 -12.06 0.24 -18.87
N VAL B 427 -11.20 0.00 -17.89
CA VAL B 427 -10.67 1.05 -17.04
C VAL B 427 -9.62 1.83 -17.83
N LEU B 428 -9.82 3.14 -17.96
CA LEU B 428 -8.88 4.01 -18.66
C LEU B 428 -7.88 4.66 -17.73
N GLY B 429 -8.23 4.85 -16.46
CA GLY B 429 -7.33 5.49 -15.52
C GLY B 429 -7.81 5.32 -14.10
N VAL B 430 -6.89 5.52 -13.17
CA VAL B 430 -7.16 5.41 -11.74
C VAL B 430 -6.39 6.51 -11.03
N HIS B 431 -7.03 7.14 -10.05
CA HIS B 431 -6.45 8.28 -9.35
C HIS B 431 -6.80 8.20 -7.88
N LEU B 432 -5.78 8.15 -7.03
CA LEU B 432 -5.95 8.00 -5.60
C LEU B 432 -5.29 9.15 -4.87
N LEU B 433 -5.83 9.46 -3.69
CA LEU B 433 -5.24 10.45 -2.80
C LEU B 433 -5.41 9.97 -1.37
N GLY B 434 -4.33 10.05 -0.60
CA GLY B 434 -4.34 9.62 0.78
C GLY B 434 -3.23 8.63 1.06
N ASP B 435 -3.14 8.25 2.34
CA ASP B 435 -2.13 7.29 2.77
C ASP B 435 -2.24 6.00 1.95
N GLY B 436 -1.08 5.48 1.55
CA GLY B 436 -1.00 4.24 0.81
C GLY B 436 -1.20 4.36 -0.69
N ALA B 437 -1.61 5.53 -1.18
CA ALA B 437 -1.88 5.68 -2.61
C ALA B 437 -0.73 5.21 -3.50
N PRO B 438 0.53 5.60 -3.26
CA PRO B 438 1.60 5.12 -4.15
C PRO B 438 1.70 3.61 -4.20
N GLU B 439 1.55 2.93 -3.06
CA GLU B 439 1.67 1.48 -3.05
C GLU B 439 0.46 0.81 -3.72
N ILE B 440 -0.75 1.30 -3.46
CA ILE B 440 -1.95 0.73 -4.06
C ILE B 440 -1.86 0.75 -5.58
N ILE B 441 -1.35 1.84 -6.14
CA ILE B 441 -1.41 2.06 -7.58
C ILE B 441 -0.52 1.10 -8.36
N GLN B 442 0.51 0.53 -7.71
CA GLN B 442 1.49 -0.25 -8.45
C GLN B 442 0.84 -1.43 -9.16
N ALA B 443 0.11 -2.28 -8.43
CA ALA B 443 -0.56 -3.40 -9.07
C ALA B 443 -1.68 -2.93 -9.99
N VAL B 444 -2.24 -1.75 -9.74
CA VAL B 444 -3.24 -1.17 -10.63
C VAL B 444 -2.67 -0.94 -12.01
N GLY B 445 -1.34 -0.85 -12.13
CA GLY B 445 -0.72 -0.76 -13.45
C GLY B 445 -0.66 -2.10 -14.16
N VAL B 446 -0.60 -3.19 -13.41
CA VAL B 446 -0.65 -4.52 -14.02
C VAL B 446 -2.03 -4.80 -14.60
N CYS B 447 -3.07 -4.30 -13.92
CA CYS B 447 -4.44 -4.55 -14.38
C CYS B 447 -4.73 -3.82 -15.68
N LEU B 448 -4.28 -2.56 -15.80
CA LEU B 448 -4.52 -1.81 -17.04
C LEU B 448 -3.77 -2.42 -18.21
N ARG B 449 -2.54 -2.90 -17.98
CA ARG B 449 -1.86 -3.67 -19.01
C ARG B 449 -2.68 -4.89 -19.42
N LEU B 450 -3.49 -5.42 -18.53
CA LEU B 450 -4.40 -6.51 -18.81
C LEU B 450 -5.78 -6.04 -19.26
N ASN B 451 -5.97 -4.74 -19.43
CA ASN B 451 -7.23 -4.19 -19.94
C ASN B 451 -8.41 -4.57 -19.04
N ALA B 452 -8.19 -4.52 -17.73
CA ALA B 452 -9.24 -4.85 -16.79
C ALA B 452 -10.46 -3.97 -17.03
N LYS B 453 -11.63 -4.48 -16.67
CA LYS B 453 -12.88 -3.75 -16.77
C LYS B 453 -13.41 -3.44 -15.38
N ILE B 454 -14.23 -2.38 -15.31
CA ILE B 454 -14.74 -1.92 -14.03
C ILE B 454 -15.36 -3.07 -13.24
N SER B 455 -15.99 -4.02 -13.96
CA SER B 455 -16.59 -5.17 -13.29
C SER B 455 -15.52 -6.04 -12.64
N ASP B 456 -14.39 -6.25 -13.33
CA ASP B 456 -13.31 -7.05 -12.75
C ASP B 456 -12.87 -6.55 -11.40
N PHE B 457 -13.18 -5.29 -11.06
CA PHE B 457 -12.78 -4.73 -9.79
C PHE B 457 -13.84 -4.93 -8.71
N TYR B 458 -15.09 -4.56 -8.99
CA TYR B 458 -16.13 -4.76 -7.97
C TYR B 458 -16.53 -6.22 -7.83
N ASN B 459 -16.27 -7.05 -8.84
CA ASN B 459 -16.48 -8.49 -8.72
C ASN B 459 -15.37 -9.19 -7.96
N THR B 460 -14.31 -8.48 -7.59
CA THR B 460 -13.25 -9.04 -6.78
C THR B 460 -13.58 -8.87 -5.30
N ILE B 461 -13.18 -9.87 -4.51
CA ILE B 461 -13.40 -9.83 -3.06
C ILE B 461 -12.31 -8.98 -2.43
N GLY B 462 -12.73 -8.05 -1.55
CA GLY B 462 -11.82 -7.09 -0.97
C GLY B 462 -11.11 -7.60 0.27
N VAL B 463 -10.18 -6.78 0.75
CA VAL B 463 -9.36 -7.06 1.93
C VAL B 463 -9.81 -6.11 3.03
N HIS B 464 -10.42 -6.66 4.08
CA HIS B 464 -10.98 -5.78 5.09
C HIS B 464 -10.05 -5.70 6.29
N PRO B 465 -9.77 -4.51 6.83
CA PRO B 465 -10.18 -3.20 6.30
C PRO B 465 -9.00 -2.40 5.73
N THR B 466 -9.16 -1.84 4.53
CA THR B 466 -8.08 -1.12 3.89
C THR B 466 -8.65 0.01 3.04
N SER B 467 -7.79 0.99 2.73
CA SER B 467 -8.19 2.03 1.78
C SER B 467 -8.47 1.42 0.41
N ALA B 468 -7.65 0.46 0.00
CA ALA B 468 -7.78 -0.15 -1.34
C ALA B 468 -9.16 -0.75 -1.59
N GLU B 469 -9.89 -1.14 -0.54
CA GLU B 469 -11.22 -1.69 -0.74
C GLU B 469 -12.07 -0.78 -1.63
N GLU B 470 -11.96 0.53 -1.43
CA GLU B 470 -12.80 1.48 -2.14
C GLU B 470 -12.81 1.25 -3.65
N LEU B 471 -11.76 0.64 -4.20
CA LEU B 471 -11.72 0.38 -5.63
C LEU B 471 -12.70 -0.72 -6.03
N CYS B 472 -12.84 -1.75 -5.21
CA CYS B 472 -13.74 -2.86 -5.49
C CYS B 472 -15.15 -2.61 -4.97
N SER B 473 -15.53 -1.34 -4.78
CA SER B 473 -16.80 -1.01 -4.16
C SER B 473 -17.61 0.02 -4.94
N MET B 474 -17.04 0.66 -5.95
CA MET B 474 -17.77 1.60 -6.79
C MET B 474 -18.41 0.82 -7.93
N ARG B 475 -19.74 0.69 -7.87
CA ARG B 475 -20.47 -0.12 -8.85
C ARG B 475 -21.22 0.71 -9.87
N THR B 476 -21.76 1.87 -9.47
CA THR B 476 -22.48 2.72 -10.42
C THR B 476 -21.72 4.02 -10.64
N PRO B 477 -21.70 4.54 -11.86
CA PRO B 477 -20.98 5.79 -12.12
C PRO B 477 -21.55 6.92 -11.26
N SER B 478 -20.64 7.74 -10.73
CA SER B 478 -21.06 8.95 -10.05
C SER B 478 -21.49 10.04 -11.03
N TYR B 479 -21.02 9.98 -12.27
CA TYR B 479 -21.46 10.86 -13.35
C TYR B 479 -20.81 10.35 -14.65
N TYR B 480 -21.18 10.98 -15.76
CA TYR B 480 -20.79 10.52 -17.08
C TYR B 480 -20.17 11.68 -17.86
N TYR B 481 -19.64 11.35 -19.04
CA TYR B 481 -19.00 12.29 -19.97
C TYR B 481 -19.36 11.82 -21.37
N VAL B 482 -20.48 12.31 -21.89
CA VAL B 482 -20.97 11.91 -23.21
C VAL B 482 -20.52 12.93 -24.24
N LYS B 483 -19.83 12.47 -25.27
CA LYS B 483 -19.38 13.33 -26.38
C LYS B 483 -18.58 14.52 -25.87
N GLY B 484 -17.92 14.35 -24.72
CA GLY B 484 -17.09 15.38 -24.15
C GLY B 484 -17.76 16.23 -23.08
N GLU B 485 -19.08 16.22 -23.00
CA GLU B 485 -19.80 17.04 -22.03
C GLU B 485 -20.09 16.25 -20.75
N LYS B 486 -19.97 16.93 -19.62
CA LYS B 486 -20.21 16.31 -18.33
C LYS B 486 -21.70 16.33 -18.01
N MET B 487 -22.18 15.23 -17.41
CA MET B 487 -23.57 15.13 -17.00
C MET B 487 -23.70 14.03 -15.97
N GLU B 488 -24.55 14.33 -15.00
CA GLU B 488 -24.82 13.51 -13.83
C GLU B 488 -25.44 12.18 -14.12
N LYS B 489 -25.99 12.03 -15.32
CA LYS B 489 -26.60 10.78 -15.71
C LYS B 489 -26.55 10.67 -17.22
N LEU B 490 -26.94 9.53 -17.74
CA LEU B 490 -26.87 9.32 -19.18
C LEU B 490 -27.92 9.99 -20.05
N PRO B 491 -28.04 9.54 -21.29
CA PRO B 491 -29.02 10.07 -22.23
C PRO B 491 -30.36 9.39 -22.04
N ASP B 492 -30.87 8.71 -23.05
CA ASP B 492 -32.17 8.09 -22.87
C ASP B 492 -32.31 6.65 -23.36
N SER B 493 -32.59 5.75 -22.43
CA SER B 493 -32.83 4.33 -22.71
C SER B 493 -31.80 3.49 -23.47
N ASN B 494 -31.54 3.82 -24.73
CA ASN B 494 -30.61 3.09 -25.59
C ASN B 494 -31.00 1.62 -25.71
N LEU B 495 -29.98 0.76 -25.80
CA LEU B 495 -30.17 -0.70 -25.90
C LEU B 495 -31.28 -1.18 -26.84
PA FAD C . -20.48 -12.50 12.60
O1A FAD C . -19.64 -12.69 13.81
O2A FAD C . -20.35 -11.12 11.95
O5B FAD C . -22.01 -12.80 12.93
C5B FAD C . -22.41 -13.37 14.19
C4B FAD C . -23.46 -12.49 14.85
O4B FAD C . -24.61 -13.30 15.20
C3B FAD C . -23.01 -11.81 16.14
O3B FAD C . -23.55 -10.49 16.24
C2B FAD C . -23.58 -12.74 17.23
O2B FAD C . -23.79 -12.04 18.45
C1B FAD C . -24.88 -13.17 16.58
N9A FAD C . -25.42 -14.43 17.08
C8A FAD C . -24.72 -15.59 17.33
N7A FAD C . -25.47 -16.58 17.75
C5A FAD C . -26.76 -16.04 17.79
C6A FAD C . -28.00 -16.58 18.15
N6A FAD C . -28.17 -17.84 18.57
N1A FAD C . -29.08 -15.77 18.06
C2A FAD C . -28.91 -14.51 17.64
N3A FAD C . -27.78 -13.90 17.27
C4A FAD C . -26.74 -14.72 17.36
N1 FAD C . -12.07 -10.81 8.95
C2 FAD C . -11.52 -10.09 7.93
O2 FAD C . -11.93 -10.21 6.77
N3 FAD C . -10.50 -9.20 8.19
C4 FAD C . -9.93 -8.95 9.41
O4 FAD C . -9.02 -8.13 9.51
C4X FAD C . -10.52 -9.72 10.50
N5 FAD C . -10.04 -9.54 11.70
C5X FAD C . -10.60 -10.29 12.74
C6 FAD C . -10.11 -10.11 14.03
C7 FAD C . -10.63 -10.84 15.10
C7M FAD C . -10.08 -10.63 16.49
C8 FAD C . -11.68 -11.75 14.87
C8M FAD C . -12.27 -12.55 16.00
C9 FAD C . -12.16 -11.92 13.58
C9A FAD C . -11.64 -11.21 12.52
N10 FAD C . -12.11 -11.36 11.20
C10 FAD C . -11.57 -10.63 10.17
C1' FAD C . -13.20 -12.30 10.90
C2' FAD C . -14.55 -11.62 10.71
O2' FAD C . -14.86 -10.79 11.83
C3' FAD C . -15.62 -12.70 10.57
O3' FAD C . -15.18 -13.66 9.61
C4' FAD C . -17.00 -12.19 10.14
O4' FAD C . -17.66 -11.61 11.26
C5' FAD C . -17.86 -13.28 9.55
O5' FAD C . -19.20 -12.77 9.36
P FAD C . -20.45 -13.51 9.96
O1P FAD C . -21.70 -12.63 9.78
O2P FAD C . -20.55 -14.87 9.38
O3P FAD C . -20.11 -13.59 11.50
S SO4 D . -6.43 -19.41 13.70
O1 SO4 D . -5.75 -18.13 13.91
O2 SO4 D . -5.62 -20.48 14.27
O3 SO4 D . -6.58 -19.63 12.26
O4 SO4 D . -7.74 -19.37 14.33
S SO4 E . -2.49 -25.65 14.94
O1 SO4 E . -2.24 -24.31 15.45
O2 SO4 E . -2.27 -26.62 16.02
O3 SO4 E . -1.59 -25.94 13.84
O4 SO4 E . -3.87 -25.74 14.49
S SO4 F . -1.01 -26.68 41.03
O1 SO4 F . -1.12 -26.62 42.50
O2 SO4 F . -0.13 -27.78 40.66
O3 SO4 F . -2.33 -26.90 40.45
O4 SO4 F . -0.46 -25.42 40.54
CAA RD7 G . -25.94 -1.09 2.47
CAB RD7 G . -25.47 -2.03 1.37
CAC RD7 G . -24.22 -1.45 0.72
CAD RD7 G . -23.12 -1.29 1.77
CAE RD7 G . -23.61 -0.35 2.87
CAF RD7 G . -24.86 -0.95 3.52
CAH RD7 G . -25.57 -2.58 5.13
CAI RD7 G . -24.89 -3.60 6.04
CAJ RD7 G . -23.41 -3.30 5.91
CAK RD7 G . -23.31 -2.13 4.94
CAL RD7 G . -25.33 0.00 4.61
CAN RD7 G . -24.70 0.23 5.77
CAP RD7 G . -26.48 1.56 6.00
CAQ RD7 G . -27.30 2.44 6.56
CAR RD7 G . -28.47 2.83 5.92
CAS RD7 G . -29.28 3.71 6.50
CAT RD7 G . -30.44 4.23 6.09
CAU RD7 G . -30.88 5.07 7.01
CAW RD7 G . -29.01 4.24 7.69
CAX RD7 G . -27.91 3.90 8.35
CAY RD7 G . -27.01 2.99 7.81
CAZ RD7 G . -30.09 5.87 9.25
CBA RD7 G . -29.56 7.29 9.03
CBC RD7 G . -29.14 9.44 10.02
CBD RD7 G . -29.40 10.35 11.21
CBF RD7 G . -31.46 9.21 11.65
CBG RD7 G . -31.21 8.29 10.46
NAG RD7 G . -24.54 -2.24 4.13
NAO RD7 G . -25.35 1.11 6.55
NAV RD7 G . -29.99 5.07 8.01
NBB RD7 G . -29.77 8.12 10.22
NBE RD7 G . -30.84 10.52 11.45
SAM RD7 G . -26.69 0.88 4.53
C1 GOL H . 11.31 -11.54 -21.73
O1 GOL H . 11.25 -11.75 -20.33
C2 GOL H . 10.01 -10.92 -22.22
O2 GOL H . 10.10 -10.64 -23.62
C3 GOL H . 8.85 -11.87 -21.95
O3 GOL H . 7.62 -11.25 -22.37
H11 GOL H . 12.15 -10.87 -21.97
H12 GOL H . 11.48 -12.48 -22.24
HO1 GOL H . 12.02 -12.26 -20.03
H2 GOL H . 9.85 -9.98 -21.67
HO2 GOL H . 9.48 -11.21 -24.11
H31 GOL H . 9.00 -12.79 -22.49
H32 GOL H . 8.80 -12.09 -20.89
HO3 GOL H . 6.94 -11.39 -21.69
S SO4 I . -45.77 -24.61 10.44
O1 SO4 I . -45.69 -24.89 11.88
O2 SO4 I . -44.45 -24.73 9.85
O3 SO4 I . -46.69 -25.56 9.81
O4 SO4 I . -46.27 -23.25 10.24
PA FAD J . 19.79 10.83 -14.97
O1A FAD J . 19.67 12.15 -14.31
O2A FAD J . 19.37 9.67 -14.07
O5B FAD J . 21.24 10.58 -15.50
C5B FAD J . 22.04 11.65 -16.05
C4B FAD J . 23.46 11.50 -15.60
O4B FAD J . 24.36 11.91 -16.66
C3B FAD J . 23.84 12.32 -14.36
O3B FAD J . 24.44 11.51 -13.35
C2B FAD J . 24.82 13.37 -14.90
O2B FAD J . 25.84 13.67 -13.96
C1B FAD J . 25.41 12.66 -16.11
N9A FAD J . 25.91 13.55 -17.15
C8A FAD J . 25.37 14.73 -17.57
N7A FAD J . 26.03 15.32 -18.54
C5A FAD J . 27.10 14.46 -18.77
C6A FAD J . 28.18 14.51 -19.67
N6A FAD J . 28.37 15.50 -20.54
N1A FAD J . 29.06 13.49 -19.64
C2A FAD J . 28.88 12.50 -18.76
N3A FAD J . 27.90 12.35 -17.87
C4A FAD J . 27.04 13.36 -17.92
N1 FAD J . 11.16 9.96 -11.14
C2 FAD J . 10.35 8.98 -10.65
O2 FAD J . 10.02 8.01 -11.35
N3 FAD J . 9.89 9.06 -9.35
C4 FAD J . 10.17 10.06 -8.45
O4 FAD J . 9.70 10.02 -7.31
C4X FAD J . 11.04 11.10 -8.98
N5 FAD J . 11.36 12.10 -8.19
C5X FAD J . 12.19 13.09 -8.70
C6 FAD J . 12.54 14.16 -7.89
C7 FAD J . 13.37 15.17 -8.36
C7M FAD J . 13.74 16.32 -7.45
C8 FAD J . 13.85 15.12 -9.68
C8M FAD J . 14.75 16.21 -10.22
C9 FAD J . 13.49 14.06 -10.50
C9A FAD J . 12.67 13.04 -10.03
N10 FAD J . 12.29 11.95 -10.83
C10 FAD J . 11.48 10.96 -10.34
C1' FAD J . 12.77 11.85 -12.21
C2' FAD J . 14.10 11.12 -12.32
O2' FAD J . 15.06 11.70 -11.44
C3' FAD J . 14.63 11.23 -13.75
O3' FAD J . 13.52 11.30 -14.64
C4' FAD J . 15.53 10.06 -14.16
O4' FAD J . 16.65 10.00 -13.29
C5' FAD J . 15.97 10.15 -15.60
O5' FAD J . 17.06 9.23 -15.81
P FAD J . 18.17 9.51 -16.88
O1P FAD J . 19.17 8.35 -16.91
O2P FAD J . 17.55 9.85 -18.19
O3P FAD J . 18.91 10.79 -16.28
S SO4 K . 13.61 45.86 -4.91
O1 SO4 K . 13.63 44.40 -4.85
O2 SO4 K . 14.17 46.40 -3.68
O3 SO4 K . 12.22 46.31 -5.04
O4 SO4 K . 14.38 46.32 -6.05
N1 EPE L . 28.44 22.92 -15.54
C2 EPE L . 28.10 22.77 -16.97
C3 EPE L . 26.79 22.03 -17.18
N4 EPE L . 25.73 22.47 -16.29
C5 EPE L . 26.10 22.68 -14.91
C6 EPE L . 27.53 22.18 -14.67
C7 EPE L . 24.38 22.06 -16.58
C8 EPE L . 24.03 22.17 -18.06
O8 EPE L . 24.37 20.97 -18.71
C9 EPE L . 29.82 22.47 -15.32
C10 EPE L . 30.79 23.64 -15.35
S EPE L . 32.51 23.15 -15.57
O1S EPE L . 32.57 21.82 -16.17
O2S EPE L . 33.20 23.11 -14.28
O3S EPE L . 33.17 24.11 -16.46
CAA RD7 M . 20.74 -4.95 -11.98
CAB RD7 M . 20.70 -6.24 -11.17
CAC RD7 M . 19.35 -6.34 -10.47
CAD RD7 M . 19.18 -5.15 -9.54
CAE RD7 M . 19.23 -3.85 -10.34
CAF RD7 M . 20.58 -3.76 -11.04
CAH RD7 M . 21.93 -2.49 -12.58
CAI RD7 M . 22.20 -1.02 -12.83
CAJ RD7 M . 21.51 -0.29 -11.69
CAK RD7 M . 20.88 -1.39 -10.85
CAL RD7 M . 21.68 -3.79 -10.01
CAN RD7 M . 21.62 -3.24 -8.79
CAP RD7 M . 23.68 -4.10 -8.72
CAQ RD7 M . 24.88 -4.41 -8.23
CAR RD7 M . 25.63 -5.42 -8.81
CAS RD7 M . 26.83 -5.73 -8.32
CAT RD7 M . 27.73 -6.63 -8.69
CAU RD7 M . 28.77 -6.56 -7.88
CAW RD7 M . 27.33 -5.08 -7.26
CAX RD7 M . 26.65 -4.10 -6.67
CAY RD7 M . 25.39 -3.73 -7.13
CAZ RD7 M . 29.43 -5.16 -5.91
CBA RD7 M . 30.33 -6.31 -5.46
CBC RD7 M . 30.10 -8.44 -4.37
CBD RD7 M . 29.59 -9.18 -3.16
CBF RD7 M . 29.81 -7.19 -1.84
CBG RD7 M . 30.32 -6.45 -3.06
NAG RD7 M . 20.68 -2.50 -11.78
NAO RD7 M . 22.74 -3.41 -8.06
NAV RD7 M . 28.53 -5.59 -6.99
NBB RD7 M . 29.76 -7.01 -4.30
NBE RD7 M . 30.14 -8.62 -1.91
SAM RD7 M . 23.13 -4.51 -10.19
N1 EPE N . 4.16 22.60 -14.65
C2 EPE N . 3.74 23.87 -14.03
C3 EPE N . 4.06 25.05 -14.95
N4 EPE N . 3.39 24.92 -16.22
C5 EPE N . 3.14 23.56 -16.67
C6 EPE N . 4.23 22.65 -16.12
C7 EPE N . 2.58 26.01 -16.70
C8 EPE N . 2.25 25.90 -18.18
O8 EPE N . 3.41 25.64 -18.92
C9 EPE N . 5.43 22.08 -14.08
C10 EPE N . 5.34 20.58 -13.91
S EPE N . 7.01 19.89 -13.79
O1S EPE N . 6.99 18.70 -12.95
O2S EPE N . 7.91 20.88 -13.21
O3S EPE N . 7.48 19.54 -15.14
H21 EPE N . 4.24 24.00 -13.07
H22 EPE N . 2.67 23.85 -13.84
H31 EPE N . 5.15 25.08 -15.11
H32 EPE N . 3.77 25.98 -14.47
H51 EPE N . 3.14 23.54 -17.76
H52 EPE N . 2.16 23.23 -16.33
H61 EPE N . 5.20 23.02 -16.43
H62 EPE N . 4.10 21.65 -16.52
H71 EPE N . 3.10 26.95 -16.51
H72 EPE N . 1.64 26.04 -16.12
H81 EPE N . 1.79 26.83 -18.53
H82 EPE N . 1.53 25.10 -18.34
HO8 EPE N . 4.19 25.57 -18.32
H91 EPE N . 6.25 22.33 -14.75
H92 EPE N . 5.62 22.56 -13.11
H101 EPE N . 4.78 20.34 -13.00
H102 EPE N . 4.82 20.14 -14.76
C1 GOL O . 9.65 38.30 9.77
O1 GOL O . 10.17 38.29 11.07
C2 GOL O . 8.64 37.13 9.68
O2 GOL O . 7.93 36.99 10.87
C3 GOL O . 7.72 37.49 8.49
O3 GOL O . 8.55 37.78 7.41
H11 GOL O . 9.21 39.14 9.55
H12 GOL O . 10.35 38.19 9.11
HO1 GOL O . 9.69 37.75 11.51
H2 GOL O . 9.09 36.30 9.54
HO2 GOL O . 7.76 36.17 10.96
H31 GOL O . 7.11 36.75 8.33
H32 GOL O . 7.15 38.24 8.72
HO3 GOL O . 8.58 38.61 7.33
C1 GOL P . -22.07 -9.17 -12.54
O1 GOL P . -21.82 -10.51 -12.24
C2 GOL P . -22.79 -8.55 -11.30
O2 GOL P . -22.72 -7.18 -11.31
C3 GOL P . -24.24 -9.05 -11.41
O3 GOL P . -24.17 -10.45 -11.59
H11 GOL P . -21.26 -8.67 -12.72
H12 GOL P . -22.63 -9.07 -13.33
HO1 GOL P . -22.07 -10.96 -12.92
H2 GOL P . -22.37 -8.86 -10.48
HO2 GOL P . -23.04 -6.90 -12.04
H31 GOL P . -24.73 -8.78 -10.62
H32 GOL P . -24.68 -8.61 -12.16
HO3 GOL P . -24.62 -10.62 -12.28
C1 GOL Q . -5.11 27.43 -15.32
O1 GOL Q . -5.99 27.90 -16.27
C2 GOL Q . -5.25 25.89 -15.29
O2 GOL Q . -4.02 25.26 -15.13
C3 GOL Q . -6.19 25.61 -14.10
O3 GOL Q . -5.47 25.88 -12.95
H11 GOL Q . -4.18 27.67 -15.51
H12 GOL Q . -5.30 27.80 -14.44
HO1 GOL Q . -5.90 28.75 -16.29
H2 GOL Q . -5.62 25.56 -16.13
HO2 GOL Q . -3.55 25.74 -14.62
H31 GOL Q . -6.52 24.69 -14.16
H32 GOL Q . -6.98 26.16 -14.18
HO3 GOL Q . -4.77 25.40 -12.99
#